data_3VUQ
#
_entry.id   3VUQ
#
_cell.length_a   44.327
_cell.length_b   174.821
_cell.length_c   56.158
_cell.angle_alpha   90.00
_cell.angle_beta   92.43
_cell.angle_gamma   90.00
#
_symmetry.space_group_name_H-M   'P 1 21 1'
#
loop_
_entity.id
_entity.type
_entity.pdbx_description
1 polymer 'Transcriptional regulator (TetR/AcrR family)'
2 water water
#
_entity_poly.entity_id   1
_entity_poly.type   'polypeptide(L)'
_entity_poly.pdbx_seq_one_letter_code
;AMITPPGAGVKDKKRAILEATLAVLRERGLSGLKMEEVARRAEVGKGTIYLYFRDKRDLLKALVEERTWAFYREVEEVVR
RKAPFFVRLEEVLRRRLAWVQEWRGLWAAVAREAMDDPTPWLKGLHEHYLRLLEELLRSGQSEGAVRTGLSPRATAAVIA
AMGCTPSLEVEAYLEHLMEVLRKGVEP
;
_entity_poly.pdbx_strand_id   A,B,C,D
#
# COMPACT_ATOMS: atom_id res chain seq x y z
N ALA A 8 -40.17 -18.79 -6.78
CA ALA A 8 -40.52 -17.55 -7.52
C ALA A 8 -39.49 -16.46 -7.27
N GLY A 9 -38.23 -16.86 -7.14
CA GLY A 9 -37.16 -15.91 -6.89
C GLY A 9 -36.43 -15.48 -8.15
N VAL A 10 -36.55 -14.19 -8.48
CA VAL A 10 -35.90 -13.62 -9.66
C VAL A 10 -34.61 -12.90 -9.28
N LYS A 11 -34.69 -12.10 -8.21
CA LYS A 11 -33.53 -11.36 -7.72
C LYS A 11 -32.36 -12.30 -7.52
N ASP A 12 -32.67 -13.51 -7.09
CA ASP A 12 -31.66 -14.53 -6.83
C ASP A 12 -31.09 -15.06 -8.14
N LYS A 13 -31.98 -15.52 -9.02
CA LYS A 13 -31.57 -16.08 -10.30
C LYS A 13 -30.80 -15.07 -11.14
N LYS A 14 -31.31 -13.85 -11.23
CA LYS A 14 -30.65 -12.82 -12.02
C LYS A 14 -29.24 -12.60 -11.49
N ARG A 15 -29.10 -12.64 -10.17
CA ARG A 15 -27.79 -12.44 -9.57
C ARG A 15 -26.87 -13.61 -9.89
N ALA A 16 -27.41 -14.83 -9.83
CA ALA A 16 -26.62 -16.02 -10.12
C ALA A 16 -26.05 -15.97 -11.53
N ILE A 17 -26.90 -15.59 -12.48
CA ILE A 17 -26.48 -15.49 -13.87
C ILE A 17 -25.33 -14.48 -14.03
N LEU A 18 -25.48 -13.31 -13.40
CA LEU A 18 -24.43 -12.29 -13.47
C LEU A 18 -23.13 -12.75 -12.84
N GLU A 19 -23.19 -13.35 -11.66
CA GLU A 19 -21.96 -13.84 -11.02
C GLU A 19 -21.30 -14.96 -11.82
N ALA A 20 -22.12 -15.82 -12.41
CA ALA A 20 -21.58 -16.91 -13.20
C ALA A 20 -20.89 -16.36 -14.46
N THR A 21 -21.48 -15.33 -15.05
CA THR A 21 -20.92 -14.71 -16.26
C THR A 21 -19.52 -14.14 -15.97
N LEU A 22 -19.42 -13.42 -14.86
CA LEU A 22 -18.15 -12.82 -14.44
C LEU A 22 -17.12 -13.93 -14.23
N ALA A 23 -17.54 -15.03 -13.61
CA ALA A 23 -16.65 -16.15 -13.36
C ALA A 23 -16.13 -16.74 -14.67
N VAL A 24 -17.03 -16.92 -15.63
CA VAL A 24 -16.61 -17.47 -16.89
C VAL A 24 -15.62 -16.53 -17.56
N LEU A 25 -15.94 -15.25 -17.61
CA LEU A 25 -15.05 -14.29 -18.23
C LEU A 25 -13.69 -14.32 -17.56
N ARG A 26 -13.68 -14.17 -16.24
CA ARG A 26 -12.43 -14.19 -15.48
C ARG A 26 -11.72 -15.53 -15.67
N GLU A 27 -12.36 -16.46 -16.39
CA GLU A 27 -11.80 -17.79 -16.63
C GLU A 27 -11.40 -18.08 -18.09
N ARG A 28 -12.22 -17.62 -19.03
CA ARG A 28 -11.95 -17.86 -20.44
C ARG A 28 -11.86 -16.57 -21.22
N GLY A 29 -12.07 -15.45 -20.54
CA GLY A 29 -12.02 -14.16 -21.22
C GLY A 29 -13.27 -14.02 -22.05
N LEU A 30 -13.57 -12.81 -22.49
CA LEU A 30 -14.76 -12.58 -23.31
C LEU A 30 -14.83 -13.55 -24.49
N SER A 31 -13.68 -13.90 -25.04
CA SER A 31 -13.61 -14.79 -26.20
C SER A 31 -14.06 -16.24 -25.97
N GLY A 32 -13.87 -16.76 -24.77
CA GLY A 32 -14.27 -18.13 -24.48
C GLY A 32 -15.62 -18.26 -23.81
N LEU A 33 -16.26 -17.13 -23.55
CA LEU A 33 -17.58 -17.11 -22.90
C LEU A 33 -18.64 -17.87 -23.66
N LYS A 34 -19.21 -18.87 -23.01
CA LYS A 34 -20.29 -19.64 -23.62
C LYS A 34 -21.46 -19.64 -22.65
N MET A 35 -22.63 -19.24 -23.14
CA MET A 35 -23.81 -19.19 -22.31
C MET A 35 -24.10 -20.53 -21.65
N GLU A 36 -23.64 -21.61 -22.27
CA GLU A 36 -23.88 -22.94 -21.71
C GLU A 36 -23.18 -23.05 -20.37
N GLU A 37 -21.96 -22.55 -20.28
CA GLU A 37 -21.23 -22.64 -19.02
C GLU A 37 -21.82 -21.69 -18.00
N VAL A 38 -22.29 -20.53 -18.48
CA VAL A 38 -22.91 -19.55 -17.61
C VAL A 38 -24.17 -20.16 -17.03
N ALA A 39 -25.02 -20.67 -17.91
CA ALA A 39 -26.27 -21.29 -17.48
C ALA A 39 -26.00 -22.43 -16.50
N ARG A 40 -24.97 -23.24 -16.79
CA ARG A 40 -24.61 -24.36 -15.93
C ARG A 40 -24.12 -23.88 -14.57
N ARG A 41 -23.20 -22.92 -14.57
CA ARG A 41 -22.68 -22.40 -13.31
C ARG A 41 -23.80 -21.70 -12.54
N ALA A 42 -24.73 -21.10 -13.27
CA ALA A 42 -25.85 -20.38 -12.64
C ALA A 42 -26.96 -21.36 -12.20
N GLU A 43 -26.89 -22.59 -12.69
CA GLU A 43 -27.89 -23.60 -12.35
C GLU A 43 -29.26 -23.23 -12.86
N VAL A 44 -29.32 -22.84 -14.14
CA VAL A 44 -30.57 -22.49 -14.77
C VAL A 44 -30.48 -22.99 -16.20
N GLY A 45 -31.61 -23.06 -16.89
CA GLY A 45 -31.60 -23.50 -18.26
C GLY A 45 -31.08 -22.36 -19.12
N LYS A 46 -30.54 -22.67 -20.30
CA LYS A 46 -30.03 -21.61 -21.16
C LYS A 46 -31.19 -20.71 -21.58
N GLY A 47 -32.35 -21.32 -21.83
CA GLY A 47 -33.53 -20.55 -22.21
C GLY A 47 -33.94 -19.62 -21.09
N THR A 48 -33.70 -20.05 -19.86
CA THR A 48 -34.04 -19.24 -18.69
C THR A 48 -33.30 -17.90 -18.68
N ILE A 49 -32.01 -17.92 -19.04
CA ILE A 49 -31.23 -16.69 -19.05
C ILE A 49 -31.86 -15.64 -19.97
N TYR A 50 -32.44 -16.09 -21.08
CA TYR A 50 -33.09 -15.19 -22.02
C TYR A 50 -34.42 -14.66 -21.52
N LEU A 51 -34.80 -15.04 -20.32
CA LEU A 51 -36.03 -14.55 -19.73
C LEU A 51 -35.67 -13.34 -18.88
N TYR A 52 -34.39 -13.29 -18.47
CA TYR A 52 -33.87 -12.21 -17.64
C TYR A 52 -33.14 -11.16 -18.47
N PHE A 53 -32.54 -11.60 -19.57
CA PHE A 53 -31.80 -10.71 -20.45
C PHE A 53 -32.21 -11.00 -21.89
N ARG A 54 -32.41 -9.93 -22.67
CA ARG A 54 -32.80 -10.06 -24.08
C ARG A 54 -31.91 -11.04 -24.82
N ASP A 55 -30.60 -10.80 -24.78
CA ASP A 55 -29.62 -11.67 -25.44
C ASP A 55 -28.32 -11.63 -24.67
N LYS A 56 -27.27 -12.21 -25.24
CA LYS A 56 -25.98 -12.24 -24.58
C LYS A 56 -25.36 -10.86 -24.37
N ARG A 57 -25.37 -10.02 -25.41
CA ARG A 57 -24.78 -8.71 -25.27
C ARG A 57 -25.57 -7.88 -24.25
N ASP A 58 -26.85 -8.18 -24.10
CA ASP A 58 -27.67 -7.48 -23.13
C ASP A 58 -27.20 -7.89 -21.72
N LEU A 59 -26.85 -9.17 -21.55
CA LEU A 59 -26.37 -9.70 -20.26
C LEU A 59 -24.99 -9.12 -19.90
N LEU A 60 -24.11 -9.04 -20.88
CA LEU A 60 -22.79 -8.50 -20.68
C LEU A 60 -22.94 -7.03 -20.28
N LYS A 61 -23.88 -6.36 -20.91
CA LYS A 61 -24.13 -4.95 -20.64
C LYS A 61 -24.57 -4.75 -19.20
N ALA A 62 -25.40 -5.66 -18.69
CA ALA A 62 -25.87 -5.57 -17.31
C ALA A 62 -24.71 -5.83 -16.36
N LEU A 63 -23.84 -6.78 -16.73
CA LEU A 63 -22.70 -7.10 -15.89
C LEU A 63 -21.69 -5.94 -15.80
N VAL A 64 -21.32 -5.36 -16.93
CA VAL A 64 -20.36 -4.26 -16.87
C VAL A 64 -20.95 -3.06 -16.16
N GLU A 65 -22.25 -2.81 -16.34
CA GLU A 65 -22.88 -1.68 -15.65
C GLU A 65 -22.94 -1.90 -14.13
N GLU A 66 -23.16 -3.15 -13.73
CA GLU A 66 -23.22 -3.45 -12.31
C GLU A 66 -21.84 -3.31 -11.68
N ARG A 67 -20.83 -3.83 -12.37
CA ARG A 67 -19.45 -3.76 -11.89
C ARG A 67 -19.01 -2.29 -11.76
N THR A 68 -19.37 -1.49 -12.75
CA THR A 68 -19.02 -0.10 -12.78
C THR A 68 -19.74 0.65 -11.65
N TRP A 69 -21.03 0.38 -11.48
CA TRP A 69 -21.83 0.96 -10.42
C TRP A 69 -21.17 0.64 -9.08
N ALA A 70 -20.67 -0.59 -8.96
CA ALA A 70 -20.02 -1.01 -7.72
C ALA A 70 -18.74 -0.22 -7.46
N PHE A 71 -17.95 -0.01 -8.51
CA PHE A 71 -16.72 0.75 -8.34
C PHE A 71 -17.03 2.17 -7.85
N TYR A 72 -18.06 2.79 -8.42
CA TYR A 72 -18.39 4.15 -8.02
C TYR A 72 -18.97 4.23 -6.60
N ARG A 73 -19.67 3.18 -6.21
CA ARG A 73 -20.24 3.10 -4.87
C ARG A 73 -19.10 3.02 -3.85
N GLU A 74 -18.02 2.33 -4.22
CA GLU A 74 -16.85 2.19 -3.35
C GLU A 74 -16.11 3.52 -3.27
N VAL A 75 -15.88 4.15 -4.42
CA VAL A 75 -15.18 5.44 -4.40
C VAL A 75 -15.96 6.46 -3.59
N GLU A 76 -17.27 6.52 -3.84
CA GLU A 76 -18.14 7.43 -3.12
C GLU A 76 -18.01 7.18 -1.61
N GLU A 77 -17.98 5.92 -1.21
CA GLU A 77 -17.86 5.62 0.22
C GLU A 77 -16.54 6.14 0.79
N VAL A 78 -15.46 5.98 0.04
CA VAL A 78 -14.15 6.46 0.50
C VAL A 78 -14.15 7.98 0.60
N VAL A 79 -14.66 8.62 -0.43
CA VAL A 79 -14.71 10.08 -0.44
C VAL A 79 -15.47 10.66 0.75
N ARG A 80 -16.53 9.98 1.15
CA ARG A 80 -17.39 10.42 2.25
C ARG A 80 -17.06 9.90 3.64
N ARG A 81 -16.02 9.09 3.75
CA ARG A 81 -15.58 8.55 5.05
C ARG A 81 -15.04 9.69 5.91
N LYS A 82 -15.11 9.52 7.23
CA LYS A 82 -14.56 10.51 8.15
C LYS A 82 -13.09 10.10 8.28
N ALA A 83 -12.24 10.69 7.45
CA ALA A 83 -10.80 10.39 7.44
C ALA A 83 -10.13 11.56 6.79
N PRO A 84 -8.82 11.76 7.05
CA PRO A 84 -8.06 12.87 6.48
C PRO A 84 -8.07 12.85 4.95
N PHE A 85 -8.10 14.04 4.35
CA PHE A 85 -8.12 14.21 2.91
C PHE A 85 -7.05 13.38 2.23
N PHE A 86 -5.81 13.45 2.73
CA PHE A 86 -4.75 12.69 2.07
C PHE A 86 -4.84 11.17 2.20
N VAL A 87 -5.48 10.67 3.25
CA VAL A 87 -5.64 9.22 3.38
C VAL A 87 -6.72 8.81 2.34
N ARG A 88 -7.82 9.56 2.30
CA ARG A 88 -8.91 9.29 1.34
C ARG A 88 -8.39 9.42 -0.10
N LEU A 89 -7.57 10.44 -0.37
CA LEU A 89 -7.07 10.60 -1.73
C LEU A 89 -6.21 9.40 -2.14
N GLU A 90 -5.35 8.97 -1.24
CA GLU A 90 -4.52 7.84 -1.55
C GLU A 90 -5.35 6.57 -1.75
N GLU A 91 -6.43 6.42 -0.97
CA GLU A 91 -7.30 5.25 -1.07
C GLU A 91 -8.05 5.28 -2.41
N VAL A 92 -8.54 6.45 -2.82
CA VAL A 92 -9.22 6.57 -4.11
C VAL A 92 -8.26 6.23 -5.27
N LEU A 93 -7.05 6.78 -5.24
CA LEU A 93 -6.07 6.52 -6.31
C LEU A 93 -5.68 5.05 -6.41
N ARG A 94 -5.52 4.38 -5.28
CA ARG A 94 -5.14 2.97 -5.27
C ARG A 94 -6.28 2.18 -5.91
N ARG A 95 -7.50 2.51 -5.53
CA ARG A 95 -8.64 1.81 -6.10
C ARG A 95 -8.80 2.11 -7.59
N ARG A 96 -8.55 3.35 -7.97
CA ARG A 96 -8.66 3.75 -9.38
C ARG A 96 -7.66 2.97 -10.23
N LEU A 97 -6.44 2.85 -9.72
CA LEU A 97 -5.37 2.13 -10.42
C LEU A 97 -5.77 0.66 -10.60
N ALA A 98 -6.31 0.04 -9.56
CA ALA A 98 -6.76 -1.35 -9.66
C ALA A 98 -7.87 -1.43 -10.70
N TRP A 99 -8.79 -0.45 -10.66
CA TRP A 99 -9.90 -0.44 -11.62
C TRP A 99 -9.44 -0.27 -13.07
N VAL A 100 -8.48 0.63 -13.32
CA VAL A 100 -7.99 0.83 -14.69
C VAL A 100 -7.43 -0.47 -15.27
N GLN A 101 -6.76 -1.24 -14.44
CA GLN A 101 -6.16 -2.52 -14.82
C GLN A 101 -7.22 -3.58 -15.10
N GLU A 102 -8.28 -3.55 -14.32
CA GLU A 102 -9.36 -4.49 -14.51
C GLU A 102 -10.08 -4.12 -15.80
N TRP A 103 -10.22 -2.81 -16.02
CA TRP A 103 -10.89 -2.28 -17.20
C TRP A 103 -10.12 -2.60 -18.48
N ARG A 104 -8.81 -2.38 -18.46
CA ARG A 104 -7.96 -2.64 -19.62
C ARG A 104 -7.95 -4.13 -19.94
N GLY A 105 -7.95 -4.94 -18.88
CA GLY A 105 -7.90 -6.37 -19.05
C GLY A 105 -9.19 -7.10 -19.34
N LEU A 106 -10.33 -6.41 -19.27
CA LEU A 106 -11.60 -7.08 -19.51
C LEU A 106 -12.79 -6.21 -19.88
N TRP A 107 -13.16 -5.29 -18.99
CA TRP A 107 -14.35 -4.46 -19.22
C TRP A 107 -14.42 -3.55 -20.45
N ALA A 108 -13.27 -3.16 -20.98
CA ALA A 108 -13.26 -2.31 -22.16
C ALA A 108 -13.80 -3.15 -23.33
N ALA A 109 -13.29 -4.37 -23.45
CA ALA A 109 -13.74 -5.26 -24.51
C ALA A 109 -15.22 -5.60 -24.27
N VAL A 110 -15.57 -5.87 -23.03
CA VAL A 110 -16.97 -6.19 -22.70
C VAL A 110 -17.92 -5.06 -23.07
N ALA A 111 -17.55 -3.84 -22.69
CA ALA A 111 -18.36 -2.66 -22.97
C ALA A 111 -18.58 -2.52 -24.48
N ARG A 112 -17.51 -2.69 -25.25
CA ARG A 112 -17.59 -2.59 -26.70
C ARG A 112 -18.57 -3.62 -27.25
N GLU A 113 -18.41 -4.86 -26.80
CA GLU A 113 -19.26 -5.96 -27.24
C GLU A 113 -20.71 -5.78 -26.81
N ALA A 114 -20.89 -5.31 -25.58
CA ALA A 114 -22.21 -5.13 -25.01
C ALA A 114 -23.01 -3.92 -25.49
N MET A 115 -22.34 -2.83 -25.81
CA MET A 115 -23.04 -1.63 -26.24
C MET A 115 -22.58 -1.19 -27.62
N ASP A 116 -23.51 -0.77 -28.47
CA ASP A 116 -23.12 -0.32 -29.79
C ASP A 116 -22.61 1.11 -29.71
N ASP A 117 -23.23 1.90 -28.83
CA ASP A 117 -22.82 3.30 -28.63
C ASP A 117 -22.41 3.50 -27.16
N PRO A 118 -21.21 3.02 -26.80
CA PRO A 118 -20.69 3.13 -25.44
C PRO A 118 -19.98 4.44 -25.09
N THR A 119 -19.43 5.13 -26.09
CA THR A 119 -18.70 6.37 -25.86
C THR A 119 -19.41 7.38 -24.94
N PRO A 120 -20.70 7.64 -25.18
CA PRO A 120 -21.40 8.60 -24.32
C PRO A 120 -21.54 8.09 -22.87
N TRP A 121 -21.69 6.79 -22.73
CA TRP A 121 -21.81 6.20 -21.40
C TRP A 121 -20.46 6.38 -20.69
N LEU A 122 -19.38 6.12 -21.42
CA LEU A 122 -18.04 6.28 -20.89
C LEU A 122 -17.78 7.73 -20.48
N LYS A 123 -18.24 8.68 -21.31
CA LYS A 123 -18.07 10.10 -20.99
C LYS A 123 -18.79 10.40 -19.67
N GLY A 124 -19.99 9.87 -19.52
CA GLY A 124 -20.75 10.09 -18.30
C GLY A 124 -20.01 9.54 -17.08
N LEU A 125 -19.37 8.39 -17.21
CA LEU A 125 -18.62 7.82 -16.10
C LEU A 125 -17.44 8.72 -15.77
N HIS A 126 -16.78 9.24 -16.79
CA HIS A 126 -15.63 10.10 -16.55
C HIS A 126 -16.10 11.36 -15.81
N GLU A 127 -17.25 11.90 -16.21
CA GLU A 127 -17.82 13.09 -15.56
C GLU A 127 -18.17 12.76 -14.11
N HIS A 128 -18.69 11.56 -13.88
CA HIS A 128 -19.05 11.18 -12.51
C HIS A 128 -17.79 11.05 -11.64
N TYR A 129 -16.69 10.52 -12.20
CA TYR A 129 -15.46 10.36 -11.44
C TYR A 129 -14.92 11.75 -11.08
N LEU A 130 -14.97 12.67 -12.03
CA LEU A 130 -14.53 14.05 -11.81
C LEU A 130 -15.31 14.67 -10.66
N ARG A 131 -16.63 14.47 -10.65
CA ARG A 131 -17.45 15.05 -9.58
C ARG A 131 -17.08 14.50 -8.21
N LEU A 132 -16.77 13.20 -8.17
CA LEU A 132 -16.36 12.57 -6.91
C LEU A 132 -15.03 13.18 -6.43
N LEU A 133 -14.09 13.42 -7.36
CA LEU A 133 -12.81 14.03 -6.95
C LEU A 133 -13.01 15.48 -6.52
N GLU A 134 -13.93 16.20 -7.19
CA GLU A 134 -14.20 17.60 -6.82
C GLU A 134 -14.76 17.62 -5.41
N GLU A 135 -15.67 16.69 -5.13
CA GLU A 135 -16.27 16.59 -3.81
C GLU A 135 -15.14 16.30 -2.80
N LEU A 136 -14.22 15.43 -3.16
CA LEU A 136 -13.13 15.11 -2.23
C LEU A 136 -12.30 16.36 -1.99
N LEU A 137 -11.99 17.06 -3.07
CA LEU A 137 -11.19 18.28 -2.98
C LEU A 137 -11.86 19.37 -2.13
N ARG A 138 -13.16 19.56 -2.29
CA ARG A 138 -13.86 20.57 -1.48
C ARG A 138 -13.81 20.20 -0.01
N SER A 139 -13.83 18.90 0.29
CA SER A 139 -13.73 18.45 1.67
C SER A 139 -12.33 18.80 2.19
N GLY A 140 -11.32 18.59 1.36
CA GLY A 140 -9.96 18.91 1.77
C GLY A 140 -9.79 20.41 1.99
N GLN A 141 -10.48 21.21 1.19
CA GLN A 141 -10.41 22.66 1.34
C GLN A 141 -11.02 23.04 2.69
N SER A 142 -12.15 22.44 3.03
CA SER A 142 -12.79 22.75 4.31
C SER A 142 -11.93 22.27 5.48
N GLU A 143 -11.12 21.22 5.28
CA GLU A 143 -10.27 20.70 6.33
C GLU A 143 -8.91 21.40 6.40
N GLY A 144 -8.62 22.23 5.41
CA GLY A 144 -7.35 22.94 5.41
C GLY A 144 -6.22 22.12 4.80
N ALA A 145 -6.56 21.02 4.12
CA ALA A 145 -5.53 20.18 3.49
C ALA A 145 -5.27 20.61 2.04
N VAL A 146 -6.25 21.28 1.46
CA VAL A 146 -6.18 21.73 0.07
C VAL A 146 -6.32 23.25 0.03
N ARG A 147 -5.48 23.92 -0.76
CA ARG A 147 -5.55 25.37 -0.86
C ARG A 147 -6.93 25.80 -1.36
N THR A 148 -7.52 26.79 -0.71
CA THR A 148 -8.85 27.24 -1.14
C THR A 148 -8.78 27.90 -2.51
N GLY A 149 -7.61 28.43 -2.86
CA GLY A 149 -7.45 29.08 -4.15
C GLY A 149 -7.63 28.16 -5.34
N LEU A 150 -7.45 26.85 -5.11
CA LEU A 150 -7.59 25.87 -6.18
C LEU A 150 -9.02 25.62 -6.61
N SER A 151 -9.23 25.53 -7.92
CA SER A 151 -10.55 25.25 -8.46
C SER A 151 -10.75 23.73 -8.31
N PRO A 152 -11.82 23.29 -7.63
CA PRO A 152 -12.05 21.84 -7.48
C PRO A 152 -12.19 21.16 -8.83
N ARG A 153 -12.92 21.80 -9.73
CA ARG A 153 -13.13 21.22 -11.06
C ARG A 153 -11.83 21.04 -11.84
N ALA A 154 -11.06 22.11 -11.98
CA ALA A 154 -9.81 22.03 -12.74
C ALA A 154 -8.85 21.06 -12.09
N THR A 155 -8.76 21.11 -10.76
CA THR A 155 -7.84 20.24 -10.05
C THR A 155 -8.28 18.77 -10.13
N ALA A 156 -9.59 18.51 -10.13
CA ALA A 156 -10.09 17.14 -10.27
C ALA A 156 -9.67 16.57 -11.66
N ALA A 157 -9.77 17.37 -12.70
CA ALA A 157 -9.39 16.91 -14.04
C ALA A 157 -7.92 16.50 -14.08
N VAL A 158 -7.07 17.26 -13.43
CA VAL A 158 -5.64 16.93 -13.38
C VAL A 158 -5.43 15.61 -12.64
N ILE A 159 -6.03 15.47 -11.45
CA ILE A 159 -5.87 14.24 -10.69
C ILE A 159 -6.46 13.03 -11.43
N ALA A 160 -7.56 13.23 -12.14
CA ALA A 160 -8.18 12.14 -12.89
C ALA A 160 -7.29 11.59 -14.00
N ALA A 161 -6.25 12.33 -14.38
CA ALA A 161 -5.35 11.93 -15.47
C ALA A 161 -4.54 10.63 -15.33
N MET A 162 -4.54 10.02 -14.14
CA MET A 162 -3.78 8.78 -13.96
C MET A 162 -4.44 7.63 -14.72
N GLY A 163 -3.66 6.67 -15.19
CA GLY A 163 -4.27 5.54 -15.88
C GLY A 163 -3.74 5.07 -17.22
N CYS A 164 -2.84 5.83 -17.85
CA CYS A 164 -2.31 5.44 -19.16
C CYS A 164 -0.83 5.04 -19.13
N THR A 165 -0.26 4.95 -17.93
CA THR A 165 1.15 4.59 -17.80
C THR A 165 1.36 3.44 -16.83
N PRO A 166 2.04 2.37 -17.28
CA PRO A 166 2.32 1.20 -16.44
C PRO A 166 3.44 1.48 -15.44
N SER A 167 3.92 2.73 -15.43
CA SER A 167 4.99 3.13 -14.53
C SER A 167 6.21 2.24 -14.68
N VAL A 170 2.02 0.95 -8.02
CA VAL A 170 2.56 0.10 -6.96
C VAL A 170 2.75 0.94 -5.70
N GLU A 171 3.09 0.29 -4.59
CA GLU A 171 3.30 0.98 -3.32
C GLU A 171 4.29 2.14 -3.44
N ALA A 172 5.54 1.82 -3.81
CA ALA A 172 6.57 2.84 -3.97
C ALA A 172 6.03 3.93 -4.86
N TYR A 173 5.61 3.54 -6.06
CA TYR A 173 5.08 4.48 -7.01
C TYR A 173 4.06 5.45 -6.41
N LEU A 174 3.06 4.90 -5.74
CA LEU A 174 2.00 5.69 -5.16
C LEU A 174 2.50 6.73 -4.15
N GLU A 175 3.52 6.37 -3.37
CA GLU A 175 4.06 7.29 -2.37
C GLU A 175 4.66 8.53 -3.03
N HIS A 176 5.35 8.32 -4.16
CA HIS A 176 5.93 9.43 -4.90
C HIS A 176 4.82 10.29 -5.54
N LEU A 177 3.79 9.65 -6.06
CA LEU A 177 2.69 10.42 -6.65
C LEU A 177 2.03 11.29 -5.56
N MET A 178 1.81 10.71 -4.39
CA MET A 178 1.19 11.44 -3.27
C MET A 178 2.06 12.62 -2.88
N GLU A 179 3.37 12.42 -2.91
CA GLU A 179 4.31 13.50 -2.58
C GLU A 179 4.18 14.66 -3.58
N VAL A 180 4.04 14.34 -4.86
CA VAL A 180 3.89 15.36 -5.89
C VAL A 180 2.50 16.01 -5.79
N LEU A 181 1.47 15.22 -5.57
CA LEU A 181 0.15 15.81 -5.47
C LEU A 181 0.05 16.76 -4.27
N ARG A 182 0.72 16.39 -3.19
CA ARG A 182 0.70 17.21 -2.01
C ARG A 182 1.53 18.49 -2.13
N LYS A 183 2.78 18.35 -2.57
CA LYS A 183 3.72 19.48 -2.61
C LYS A 183 4.27 19.90 -3.97
N GLY A 184 3.96 19.17 -5.03
CA GLY A 184 4.51 19.54 -6.32
C GLY A 184 6.00 19.20 -6.35
N VAL A 185 6.74 19.81 -7.27
CA VAL A 185 8.17 19.52 -7.37
C VAL A 185 9.09 20.72 -7.07
N GLU A 186 8.52 21.91 -6.92
CA GLU A 186 9.33 23.09 -6.66
C GLU A 186 9.77 23.16 -5.20
N PRO A 187 10.99 23.67 -4.94
CA PRO A 187 11.43 23.74 -3.55
C PRO A 187 10.54 24.64 -2.69
N ALA B 8 21.06 6.61 -53.93
CA ALA B 8 21.95 7.57 -53.20
C ALA B 8 21.56 7.67 -51.73
N GLY B 9 21.95 6.67 -50.95
CA GLY B 9 21.64 6.66 -49.53
C GLY B 9 20.47 5.75 -49.18
N VAL B 10 20.76 4.69 -48.43
CA VAL B 10 19.73 3.74 -48.01
C VAL B 10 18.63 4.42 -47.19
N LYS B 11 19.05 5.17 -46.17
CA LYS B 11 18.13 5.89 -45.28
C LYS B 11 17.27 6.91 -46.03
N ASP B 12 17.79 7.42 -47.12
CA ASP B 12 17.08 8.42 -47.93
C ASP B 12 15.95 7.74 -48.71
N LYS B 13 16.24 6.59 -49.29
CA LYS B 13 15.22 5.88 -50.07
C LYS B 13 14.17 5.29 -49.13
N LYS B 14 14.61 4.84 -47.96
CA LYS B 14 13.73 4.25 -46.95
C LYS B 14 12.69 5.31 -46.58
N ARG B 15 13.19 6.51 -46.30
CA ARG B 15 12.36 7.65 -45.92
C ARG B 15 11.35 8.01 -47.01
N ALA B 16 11.79 8.04 -48.25
CA ALA B 16 10.91 8.37 -49.36
C ALA B 16 9.81 7.33 -49.48
N ILE B 17 10.16 6.08 -49.23
CA ILE B 17 9.18 4.99 -49.30
C ILE B 17 8.15 5.13 -48.18
N LEU B 18 8.61 5.49 -46.98
CA LEU B 18 7.71 5.63 -45.84
C LEU B 18 6.75 6.80 -46.01
N GLU B 19 7.24 7.91 -46.56
CA GLU B 19 6.39 9.07 -46.80
C GLU B 19 5.34 8.77 -47.86
N ALA B 20 5.70 7.97 -48.85
CA ALA B 20 4.76 7.59 -49.91
C ALA B 20 3.74 6.64 -49.30
N THR B 21 4.18 5.82 -48.36
CA THR B 21 3.31 4.87 -47.68
C THR B 21 2.23 5.60 -46.89
N LEU B 22 2.63 6.65 -46.19
CA LEU B 22 1.69 7.43 -45.40
C LEU B 22 0.69 8.09 -46.34
N ALA B 23 1.17 8.58 -47.48
CA ALA B 23 0.31 9.24 -48.46
C ALA B 23 -0.75 8.28 -48.96
N VAL B 24 -0.33 7.11 -49.43
CA VAL B 24 -1.27 6.10 -49.89
C VAL B 24 -2.25 5.73 -48.77
N LEU B 25 -1.77 5.59 -47.54
CA LEU B 25 -2.63 5.25 -46.41
C LEU B 25 -3.70 6.29 -46.15
N ARG B 26 -3.33 7.56 -46.22
CA ARG B 26 -4.25 8.66 -45.98
C ARG B 26 -5.28 8.89 -47.08
N GLU B 27 -4.99 8.39 -48.28
CA GLU B 27 -5.92 8.57 -49.38
C GLU B 27 -6.53 7.27 -49.92
N ARG B 28 -6.31 6.16 -49.23
CA ARG B 28 -6.87 4.90 -49.67
C ARG B 28 -7.11 3.89 -48.55
N GLY B 29 -6.60 4.18 -47.36
CA GLY B 29 -6.76 3.28 -46.24
C GLY B 29 -5.82 2.10 -46.41
N LEU B 30 -5.62 1.32 -45.35
CA LEU B 30 -4.72 0.18 -45.45
C LEU B 30 -5.30 -0.82 -46.44
N SER B 31 -6.63 -0.87 -46.53
CA SER B 31 -7.30 -1.80 -47.44
C SER B 31 -6.90 -1.52 -48.88
N GLY B 32 -6.68 -0.24 -49.20
CA GLY B 32 -6.31 0.10 -50.56
C GLY B 32 -4.82 0.27 -50.76
N LEU B 33 -4.04 -0.20 -49.79
CA LEU B 33 -2.60 -0.10 -49.87
C LEU B 33 -1.99 -1.27 -50.60
N LYS B 34 -1.31 -0.99 -51.71
CA LYS B 34 -0.64 -2.02 -52.47
C LYS B 34 0.84 -1.62 -52.59
N MET B 35 1.72 -2.61 -52.57
CA MET B 35 3.15 -2.31 -52.70
C MET B 35 3.39 -1.66 -54.06
N GLU B 36 2.59 -2.06 -55.04
CA GLU B 36 2.69 -1.51 -56.39
C GLU B 36 2.47 0.00 -56.34
N GLU B 37 1.43 0.42 -55.62
CA GLU B 37 1.08 1.84 -55.49
C GLU B 37 2.14 2.63 -54.71
N VAL B 38 2.75 1.99 -53.73
CA VAL B 38 3.78 2.68 -52.96
C VAL B 38 5.02 2.87 -53.85
N ALA B 39 5.39 1.84 -54.60
CA ALA B 39 6.55 1.93 -55.48
C ALA B 39 6.35 3.05 -56.48
N ARG B 40 5.12 3.22 -56.94
CA ARG B 40 4.80 4.25 -57.91
C ARG B 40 5.02 5.65 -57.34
N ARG B 41 4.44 5.93 -56.18
CA ARG B 41 4.59 7.25 -55.58
C ARG B 41 6.00 7.50 -55.09
N ALA B 42 6.70 6.45 -54.67
CA ALA B 42 8.07 6.59 -54.19
C ALA B 42 9.06 6.66 -55.34
N GLU B 43 8.62 6.27 -56.53
CA GLU B 43 9.45 6.25 -57.74
C GLU B 43 10.64 5.33 -57.56
N VAL B 44 10.31 4.06 -57.34
CA VAL B 44 11.31 3.01 -57.16
C VAL B 44 10.64 1.77 -57.73
N GLY B 45 11.44 0.74 -58.03
CA GLY B 45 10.87 -0.48 -58.57
C GLY B 45 10.08 -1.21 -57.50
N LYS B 46 9.24 -2.18 -57.90
CA LYS B 46 8.48 -2.92 -56.91
C LYS B 46 9.44 -3.80 -56.12
N GLY B 47 10.49 -4.26 -56.79
CA GLY B 47 11.48 -5.10 -56.14
C GLY B 47 12.18 -4.28 -55.06
N THR B 48 12.44 -3.01 -55.36
CA THR B 48 13.08 -2.13 -54.40
C THR B 48 12.26 -2.09 -53.12
N ILE B 49 10.96 -1.89 -53.26
CA ILE B 49 10.08 -1.83 -52.10
C ILE B 49 10.21 -3.09 -51.26
N TYR B 50 10.12 -4.24 -51.92
CA TYR B 50 10.21 -5.53 -51.23
C TYR B 50 11.59 -5.84 -50.65
N LEU B 51 12.63 -5.25 -51.22
CA LEU B 51 13.97 -5.47 -50.70
C LEU B 51 14.03 -4.73 -49.38
N TYR B 52 13.62 -3.47 -49.39
CA TYR B 52 13.60 -2.64 -48.19
C TYR B 52 12.62 -3.16 -47.15
N PHE B 53 11.40 -3.44 -47.58
CA PHE B 53 10.35 -3.93 -46.68
C PHE B 53 9.78 -5.25 -47.19
N ARG B 54 10.00 -6.32 -46.42
CA ARG B 54 9.52 -7.65 -46.79
C ARG B 54 8.03 -7.69 -47.06
N ASP B 55 7.24 -7.30 -46.07
CA ASP B 55 5.79 -7.32 -46.20
C ASP B 55 5.15 -6.00 -45.83
N LYS B 56 3.84 -5.92 -46.04
CA LYS B 56 3.08 -4.73 -45.73
C LYS B 56 3.21 -4.45 -44.23
N ARG B 57 3.27 -5.51 -43.44
CA ARG B 57 3.40 -5.39 -41.98
C ARG B 57 4.68 -4.72 -41.51
N ASP B 58 5.80 -5.00 -42.19
CA ASP B 58 7.07 -4.38 -41.80
C ASP B 58 7.10 -2.94 -42.27
N LEU B 59 6.29 -2.64 -43.27
CA LEU B 59 6.20 -1.28 -43.77
C LEU B 59 5.53 -0.40 -42.72
N LEU B 60 4.43 -0.88 -42.13
CA LEU B 60 3.71 -0.12 -41.10
C LEU B 60 4.54 0.02 -39.82
N LYS B 61 5.28 -1.03 -39.49
CA LYS B 61 6.12 -1.03 -38.28
C LYS B 61 7.13 0.11 -38.39
N ALA B 62 7.84 0.12 -39.51
CA ALA B 62 8.85 1.14 -39.77
C ALA B 62 8.22 2.51 -39.72
N LEU B 63 6.96 2.60 -40.14
CA LEU B 63 6.27 3.90 -40.17
C LEU B 63 6.06 4.47 -38.77
N VAL B 64 5.58 3.64 -37.85
CA VAL B 64 5.37 4.10 -36.48
C VAL B 64 6.71 4.46 -35.83
N GLU B 65 7.71 3.64 -36.08
CA GLU B 65 9.02 3.91 -35.49
C GLU B 65 9.54 5.26 -35.93
N GLU B 66 9.39 5.58 -37.21
CA GLU B 66 9.89 6.84 -37.72
C GLU B 66 9.23 8.03 -37.09
N ARG B 67 7.91 7.96 -36.95
CA ARG B 67 7.19 9.08 -36.36
C ARG B 67 7.53 9.22 -34.88
N THR B 68 7.68 8.08 -34.22
CA THR B 68 8.00 8.08 -32.79
C THR B 68 9.40 8.66 -32.53
N TRP B 69 10.40 8.13 -33.22
CA TRP B 69 11.73 8.64 -33.03
C TRP B 69 11.79 10.12 -33.37
N ALA B 70 10.93 10.55 -34.29
CA ALA B 70 10.89 11.96 -34.64
C ALA B 70 10.29 12.77 -33.46
N PHE B 71 9.37 12.15 -32.73
CA PHE B 71 8.76 12.80 -31.57
C PHE B 71 9.83 12.98 -30.50
N TYR B 72 10.58 11.91 -30.27
CA TYR B 72 11.65 11.94 -29.28
C TYR B 72 12.71 12.99 -29.55
N ARG B 73 13.00 13.22 -30.82
CA ARG B 73 14.00 14.21 -31.17
C ARG B 73 13.42 15.58 -30.85
N GLU B 74 12.11 15.71 -30.99
CA GLU B 74 11.46 16.99 -30.70
C GLU B 74 11.55 17.25 -29.19
N VAL B 75 11.28 16.23 -28.40
CA VAL B 75 11.32 16.32 -26.93
C VAL B 75 12.75 16.52 -26.44
N GLU B 76 13.67 15.74 -27.00
CA GLU B 76 15.09 15.82 -26.63
C GLU B 76 15.60 17.24 -26.87
N GLU B 77 15.06 17.90 -27.89
CA GLU B 77 15.45 19.26 -28.23
C GLU B 77 14.99 20.26 -27.17
N VAL B 78 13.77 20.11 -26.68
CA VAL B 78 13.26 21.00 -25.65
C VAL B 78 14.03 20.74 -24.36
N VAL B 79 14.20 19.46 -24.03
CA VAL B 79 14.91 19.03 -22.82
C VAL B 79 16.32 19.57 -22.66
N ARG B 80 17.11 19.54 -23.73
CA ARG B 80 18.48 20.04 -23.66
C ARG B 80 18.60 21.52 -24.00
N ARG B 81 17.46 22.17 -24.24
CA ARG B 81 17.46 23.59 -24.54
C ARG B 81 17.82 24.40 -23.28
N LYS B 82 18.60 25.47 -23.45
CA LYS B 82 18.99 26.31 -22.33
C LYS B 82 17.85 27.27 -22.00
N ALA B 83 16.95 26.83 -21.13
CA ALA B 83 15.80 27.62 -20.73
C ALA B 83 15.38 27.16 -19.32
N PRO B 84 14.52 27.94 -18.64
CA PRO B 84 14.09 27.53 -17.29
C PRO B 84 13.46 26.13 -17.30
N PHE B 85 13.63 25.39 -16.22
CA PHE B 85 13.06 24.04 -16.14
C PHE B 85 11.57 23.99 -16.44
N PHE B 86 10.80 24.88 -15.82
CA PHE B 86 9.35 24.87 -16.01
C PHE B 86 8.89 25.28 -17.40
N VAL B 87 9.73 26.02 -18.11
CA VAL B 87 9.41 26.42 -19.47
C VAL B 87 9.51 25.16 -20.32
N ARG B 88 10.59 24.41 -20.11
CA ARG B 88 10.81 23.17 -20.85
C ARG B 88 9.77 22.10 -20.51
N LEU B 89 9.44 21.99 -19.22
CA LEU B 89 8.47 21.00 -18.80
C LEU B 89 7.10 21.19 -19.50
N GLU B 90 6.60 22.41 -19.47
CA GLU B 90 5.31 22.70 -20.10
C GLU B 90 5.35 22.43 -21.61
N GLU B 91 6.47 22.79 -22.24
CA GLU B 91 6.66 22.57 -23.69
C GLU B 91 6.60 21.09 -23.96
N VAL B 92 7.36 20.33 -23.19
CA VAL B 92 7.36 18.87 -23.34
C VAL B 92 5.97 18.28 -23.16
N LEU B 93 5.26 18.73 -22.13
CA LEU B 93 3.92 18.21 -21.86
C LEU B 93 2.92 18.63 -22.96
N ARG B 94 3.08 19.82 -23.49
CA ARG B 94 2.20 20.30 -24.56
C ARG B 94 2.42 19.42 -25.79
N ARG B 95 3.68 19.11 -26.07
CA ARG B 95 4.04 18.27 -27.22
C ARG B 95 3.58 16.84 -27.00
N ARG B 96 3.67 16.39 -25.76
CA ARG B 96 3.25 15.05 -25.43
C ARG B 96 1.74 14.88 -25.68
N LEU B 97 0.97 15.89 -25.29
CA LEU B 97 -0.48 15.82 -25.45
C LEU B 97 -0.87 15.77 -26.92
N ALA B 98 -0.23 16.61 -27.73
CA ALA B 98 -0.51 16.61 -29.17
C ALA B 98 -0.18 15.22 -29.72
N TRP B 99 0.92 14.65 -29.24
CA TRP B 99 1.34 13.34 -29.68
C TRP B 99 0.32 12.23 -29.33
N VAL B 100 -0.19 12.25 -28.10
CA VAL B 100 -1.16 11.22 -27.72
C VAL B 100 -2.42 11.31 -28.60
N GLN B 101 -2.84 12.53 -28.91
CA GLN B 101 -4.00 12.73 -29.77
C GLN B 101 -3.69 12.05 -31.11
N GLU B 102 -2.53 12.40 -31.66
CA GLU B 102 -2.09 11.85 -32.92
C GLU B 102 -2.05 10.32 -32.85
N TRP B 103 -1.60 9.79 -31.72
CA TRP B 103 -1.50 8.35 -31.56
C TRP B 103 -2.88 7.65 -31.54
N ARG B 104 -3.81 8.18 -30.76
CA ARG B 104 -5.14 7.56 -30.69
C ARG B 104 -5.83 7.61 -32.05
N GLY B 105 -5.57 8.67 -32.81
CA GLY B 105 -6.21 8.81 -34.10
C GLY B 105 -5.64 7.98 -35.23
N LEU B 106 -4.43 7.43 -35.07
CA LEU B 106 -3.85 6.63 -36.13
C LEU B 106 -2.78 5.63 -35.72
N TRP B 107 -1.69 6.14 -35.17
CA TRP B 107 -0.57 5.31 -34.78
C TRP B 107 -0.90 4.09 -33.95
N ALA B 108 -1.90 4.20 -33.08
CA ALA B 108 -2.31 3.06 -32.26
C ALA B 108 -2.73 1.89 -33.15
N ALA B 109 -3.56 2.19 -34.15
CA ALA B 109 -4.05 1.16 -35.06
C ALA B 109 -2.90 0.64 -35.92
N VAL B 110 -2.04 1.54 -36.37
CA VAL B 110 -0.91 1.13 -37.19
C VAL B 110 -0.04 0.18 -36.39
N ALA B 111 0.33 0.59 -35.18
CA ALA B 111 1.16 -0.24 -34.32
C ALA B 111 0.54 -1.62 -34.20
N ARG B 112 -0.77 -1.64 -34.01
CA ARG B 112 -1.51 -2.88 -33.85
C ARG B 112 -1.41 -3.80 -35.07
N GLU B 113 -1.39 -3.20 -36.25
CA GLU B 113 -1.29 -3.98 -37.48
C GLU B 113 0.17 -4.37 -37.69
N ALA B 114 1.07 -3.54 -37.17
CA ALA B 114 2.51 -3.79 -37.31
C ALA B 114 2.96 -5.15 -36.81
N MET B 115 2.38 -5.63 -35.72
CA MET B 115 2.78 -6.92 -35.19
C MET B 115 1.72 -7.56 -34.32
N ASP B 116 1.87 -8.86 -34.07
CA ASP B 116 0.92 -9.60 -33.26
C ASP B 116 0.81 -8.96 -31.88
N ASP B 117 1.97 -8.79 -31.22
CA ASP B 117 2.01 -8.20 -29.90
C ASP B 117 2.92 -6.96 -29.86
N PRO B 118 2.32 -5.76 -29.84
CA PRO B 118 2.97 -4.45 -29.81
C PRO B 118 3.57 -4.05 -28.46
N THR B 119 2.88 -4.42 -27.39
CA THR B 119 3.29 -4.07 -26.03
C THR B 119 4.79 -4.11 -25.70
N PRO B 120 5.48 -5.22 -25.97
CA PRO B 120 6.91 -5.27 -25.67
C PRO B 120 7.66 -4.12 -26.34
N TRP B 121 7.28 -3.83 -27.57
CA TRP B 121 7.89 -2.77 -28.34
C TRP B 121 7.42 -1.39 -27.86
N LEU B 122 6.16 -1.31 -27.47
CA LEU B 122 5.62 -0.05 -26.99
C LEU B 122 6.19 0.29 -25.61
N LYS B 123 6.41 -0.73 -24.79
CA LYS B 123 6.98 -0.51 -23.48
C LYS B 123 8.35 0.11 -23.70
N GLY B 124 9.07 -0.39 -24.69
CA GLY B 124 10.38 0.13 -25.00
C GLY B 124 10.33 1.61 -25.35
N LEU B 125 9.19 2.08 -25.82
CA LEU B 125 9.04 3.50 -26.16
C LEU B 125 8.80 4.27 -24.87
N HIS B 126 7.85 3.80 -24.06
CA HIS B 126 7.55 4.44 -22.79
C HIS B 126 8.88 4.74 -22.10
N GLU B 127 9.85 3.84 -22.28
CA GLU B 127 11.17 3.97 -21.68
C GLU B 127 11.94 5.21 -22.15
N HIS B 128 12.11 5.36 -23.46
CA HIS B 128 12.85 6.50 -23.99
C HIS B 128 12.25 7.82 -23.46
N TYR B 129 10.93 7.92 -23.40
CA TYR B 129 10.29 9.14 -22.91
C TYR B 129 10.65 9.34 -21.42
N LEU B 130 10.61 8.27 -20.64
CA LEU B 130 10.92 8.31 -19.21
C LEU B 130 12.34 8.77 -18.92
N ARG B 131 13.28 8.35 -19.77
CA ARG B 131 14.68 8.71 -19.62
C ARG B 131 14.82 10.19 -19.91
N LEU B 132 14.05 10.69 -20.88
CA LEU B 132 14.10 12.11 -21.19
C LEU B 132 13.53 12.97 -20.05
N LEU B 133 12.48 12.48 -19.38
CA LEU B 133 11.90 13.25 -18.26
C LEU B 133 12.88 13.22 -17.08
N GLU B 134 13.50 12.06 -16.86
CA GLU B 134 14.48 11.89 -15.79
C GLU B 134 15.62 12.90 -16.01
N GLU B 135 16.11 12.98 -17.25
CA GLU B 135 17.17 13.92 -17.60
C GLU B 135 16.71 15.37 -17.35
N LEU B 136 15.47 15.66 -17.69
CA LEU B 136 14.95 17.00 -17.50
C LEU B 136 14.87 17.31 -16.01
N LEU B 137 14.39 16.34 -15.24
CA LEU B 137 14.25 16.55 -13.80
C LEU B 137 15.62 16.73 -13.13
N ARG B 138 16.62 15.96 -13.53
CA ARG B 138 17.95 16.12 -12.94
C ARG B 138 18.44 17.52 -13.26
N SER B 139 18.15 18.00 -14.46
CA SER B 139 18.54 19.35 -14.86
C SER B 139 17.81 20.34 -13.96
N GLY B 140 16.50 20.15 -13.79
CA GLY B 140 15.76 21.03 -12.91
C GLY B 140 16.31 21.03 -11.48
N GLN B 141 16.83 19.89 -11.03
CA GLN B 141 17.40 19.83 -9.67
C GLN B 141 18.70 20.63 -9.54
N SER B 142 19.52 20.65 -10.59
CA SER B 142 20.76 21.42 -10.55
C SER B 142 20.39 22.88 -10.66
N GLU B 143 19.32 23.15 -11.40
CA GLU B 143 18.85 24.51 -11.62
C GLU B 143 18.26 25.16 -10.36
N GLY B 144 17.69 24.35 -9.48
CA GLY B 144 17.08 24.86 -8.26
C GLY B 144 15.57 24.97 -8.40
N ALA B 145 15.06 24.46 -9.50
CA ALA B 145 13.63 24.52 -9.77
C ALA B 145 12.89 23.27 -9.26
N VAL B 146 13.65 22.21 -8.98
CA VAL B 146 13.08 20.94 -8.53
C VAL B 146 13.73 20.48 -7.22
N ARG B 147 12.92 20.21 -6.20
CA ARG B 147 13.47 19.75 -4.92
C ARG B 147 14.50 18.63 -5.11
N THR B 148 15.64 18.76 -4.45
CA THR B 148 16.69 17.78 -4.60
C THR B 148 16.37 16.43 -3.96
N GLY B 149 15.42 16.38 -3.04
CA GLY B 149 15.08 15.10 -2.43
C GLY B 149 14.22 14.19 -3.30
N LEU B 150 13.69 14.69 -4.42
CA LEU B 150 12.85 13.87 -5.29
C LEU B 150 13.65 12.84 -6.09
N SER B 151 13.09 11.64 -6.22
CA SER B 151 13.77 10.62 -7.03
C SER B 151 13.50 10.98 -8.51
N PRO B 152 14.56 11.15 -9.31
CA PRO B 152 14.30 11.49 -10.72
C PRO B 152 13.47 10.45 -11.44
N ARG B 153 13.80 9.18 -11.21
CA ARG B 153 13.10 8.07 -11.83
C ARG B 153 11.64 8.00 -11.43
N ALA B 154 11.38 8.07 -10.14
CA ALA B 154 10.02 7.99 -9.64
C ALA B 154 9.18 9.17 -10.09
N THR B 155 9.78 10.35 -10.05
CA THR B 155 9.06 11.55 -10.44
C THR B 155 8.80 11.56 -11.95
N ALA B 156 9.74 11.03 -12.72
CA ALA B 156 9.56 10.93 -14.18
C ALA B 156 8.36 10.01 -14.45
N ALA B 157 8.25 8.91 -13.69
CA ALA B 157 7.14 7.98 -13.86
C ALA B 157 5.82 8.71 -13.54
N VAL B 158 5.82 9.50 -12.47
CA VAL B 158 4.62 10.24 -12.09
C VAL B 158 4.23 11.19 -13.21
N ILE B 159 5.17 11.99 -13.68
CA ILE B 159 4.87 12.93 -14.75
C ILE B 159 4.39 12.21 -15.99
N ALA B 160 5.03 11.10 -16.35
CA ALA B 160 4.58 10.33 -17.51
C ALA B 160 3.08 10.00 -17.35
N ALA B 161 2.68 9.59 -16.16
CA ALA B 161 1.27 9.27 -15.88
C ALA B 161 0.42 10.54 -15.89
N MET B 162 0.58 11.39 -14.87
CA MET B 162 -0.18 12.63 -14.76
C MET B 162 -0.30 13.36 -16.09
N GLY B 163 0.54 13.02 -17.06
CA GLY B 163 0.50 13.70 -18.34
C GLY B 163 -0.48 13.14 -19.36
N CYS B 164 -1.22 12.10 -18.98
CA CYS B 164 -2.19 11.50 -19.89
C CYS B 164 -3.29 12.52 -20.22
N THR B 165 -4.06 12.25 -21.27
CA THR B 165 -5.14 13.13 -21.66
C THR B 165 -6.44 12.72 -20.98
N VAL B 170 -10.57 22.64 -26.01
CA VAL B 170 -10.08 23.33 -24.82
C VAL B 170 -8.74 22.75 -24.39
N GLU B 171 -7.92 23.57 -23.74
CA GLU B 171 -6.60 23.13 -23.28
C GLU B 171 -6.16 23.82 -22.00
N ALA B 172 -7.12 24.39 -21.28
CA ALA B 172 -6.85 25.07 -20.01
C ALA B 172 -6.19 24.05 -19.09
N TYR B 173 -6.34 22.79 -19.49
CA TYR B 173 -5.78 21.67 -18.77
C TYR B 173 -4.31 21.88 -18.42
N LEU B 174 -3.50 22.15 -19.43
CA LEU B 174 -2.08 22.33 -19.22
C LEU B 174 -1.69 23.31 -18.11
N GLU B 175 -2.32 24.48 -18.09
CA GLU B 175 -2.02 25.48 -17.06
C GLU B 175 -2.29 24.97 -15.64
N HIS B 176 -3.36 24.20 -15.48
CA HIS B 176 -3.71 23.67 -14.17
C HIS B 176 -2.80 22.49 -13.82
N LEU B 177 -2.44 21.69 -14.81
CA LEU B 177 -1.54 20.58 -14.62
C LEU B 177 -0.21 21.17 -14.11
N MET B 178 0.27 22.23 -14.76
CA MET B 178 1.52 22.86 -14.37
C MET B 178 1.48 23.40 -12.95
N GLU B 179 0.37 24.00 -12.56
CA GLU B 179 0.26 24.52 -11.19
C GLU B 179 0.33 23.38 -10.16
N VAL B 180 -0.31 22.25 -10.46
CA VAL B 180 -0.26 21.10 -9.54
C VAL B 180 1.16 20.49 -9.53
N LEU B 181 1.76 20.35 -10.70
CA LEU B 181 3.10 19.79 -10.79
C LEU B 181 4.11 20.68 -10.07
N ARG B 182 3.92 21.99 -10.17
CA ARG B 182 4.85 22.88 -9.50
C ARG B 182 4.65 22.94 -7.99
N LYS B 183 3.40 23.02 -7.50
CA LYS B 183 3.22 23.13 -6.06
C LYS B 183 2.19 22.27 -5.36
N GLY B 184 1.69 21.24 -6.03
CA GLY B 184 0.71 20.37 -5.40
C GLY B 184 -0.56 21.07 -4.97
N VAL B 185 -1.31 20.49 -4.03
CA VAL B 185 -2.57 21.10 -3.58
C VAL B 185 -2.61 21.58 -2.13
N GLU B 186 -1.59 21.22 -1.36
CA GLU B 186 -1.52 21.54 0.06
C GLU B 186 -1.11 23.01 0.31
N PRO B 187 -1.69 23.65 1.34
CA PRO B 187 -1.36 25.04 1.64
C PRO B 187 0.10 25.17 2.08
N GLY C 9 -22.19 -12.76 48.70
CA GLY C 9 -21.59 -11.95 47.60
C GLY C 9 -20.71 -12.79 46.70
N VAL C 10 -21.30 -13.35 45.64
CA VAL C 10 -20.55 -14.19 44.71
C VAL C 10 -19.32 -13.46 44.16
N LYS C 11 -19.54 -12.33 43.49
CA LYS C 11 -18.46 -11.54 42.91
C LYS C 11 -17.39 -11.15 43.92
N ASP C 12 -17.76 -11.12 45.20
CA ASP C 12 -16.82 -10.76 46.27
C ASP C 12 -15.90 -11.93 46.62
N LYS C 13 -16.46 -13.13 46.67
CA LYS C 13 -15.70 -14.33 46.99
C LYS C 13 -14.67 -14.57 45.89
N LYS C 14 -15.13 -14.49 44.65
CA LYS C 14 -14.29 -14.69 43.48
C LYS C 14 -13.09 -13.78 43.57
N ARG C 15 -13.35 -12.49 43.80
CA ARG C 15 -12.31 -11.50 43.90
C ARG C 15 -11.31 -11.81 45.03
N ALA C 16 -11.83 -12.25 46.17
CA ALA C 16 -10.97 -12.56 47.31
C ALA C 16 -10.04 -13.74 46.99
N ILE C 17 -10.55 -14.69 46.23
CA ILE C 17 -9.78 -15.88 45.82
C ILE C 17 -8.69 -15.55 44.80
N LEU C 18 -9.01 -14.66 43.87
CA LEU C 18 -8.07 -14.28 42.84
C LEU C 18 -6.93 -13.47 43.42
N GLU C 19 -7.23 -12.67 44.43
CA GLU C 19 -6.20 -11.86 45.08
C GLU C 19 -5.24 -12.80 45.80
N ALA C 20 -5.77 -13.91 46.32
CA ALA C 20 -4.95 -14.88 47.03
C ALA C 20 -4.10 -15.65 46.03
N THR C 21 -4.66 -15.91 44.85
CA THR C 21 -3.97 -16.64 43.80
C THR C 21 -2.71 -15.88 43.39
N LEU C 22 -2.85 -14.57 43.28
CA LEU C 22 -1.73 -13.71 42.91
C LEU C 22 -0.69 -13.68 44.02
N ALA C 23 -1.16 -13.58 45.26
CA ALA C 23 -0.24 -13.54 46.39
C ALA C 23 0.61 -14.81 46.38
N VAL C 24 -0.05 -15.95 46.18
CA VAL C 24 0.63 -17.24 46.14
C VAL C 24 1.62 -17.32 44.98
N LEU C 25 1.16 -16.98 43.78
CA LEU C 25 2.03 -17.01 42.60
C LEU C 25 3.36 -16.30 42.86
N ARG C 26 3.28 -15.13 43.48
CA ARG C 26 4.48 -14.35 43.76
C ARG C 26 5.29 -14.91 44.92
N GLU C 27 4.67 -15.75 45.74
CA GLU C 27 5.35 -16.33 46.89
C GLU C 27 5.94 -17.70 46.57
N ARG C 28 5.29 -18.44 45.68
CA ARG C 28 5.76 -19.78 45.37
C ARG C 28 5.89 -20.10 43.88
N GLY C 29 5.43 -19.21 43.02
CA GLY C 29 5.50 -19.49 41.60
C GLY C 29 4.36 -20.43 41.24
N LEU C 30 4.13 -20.61 39.94
CA LEU C 30 3.05 -21.50 39.52
C LEU C 30 3.33 -22.95 39.90
N SER C 31 4.62 -23.30 39.98
CA SER C 31 5.01 -24.66 40.32
C SER C 31 4.63 -24.99 41.76
N GLY C 32 4.77 -24.02 42.64
CA GLY C 32 4.45 -24.23 44.04
C GLY C 32 3.06 -23.82 44.46
N LEU C 33 2.18 -23.63 43.47
CA LEU C 33 0.82 -23.24 43.77
C LEU C 33 -0.09 -24.45 43.87
N LYS C 34 -0.94 -24.45 44.90
CA LYS C 34 -1.87 -25.53 45.15
C LYS C 34 -3.19 -24.85 45.49
N MET C 35 -4.29 -25.41 45.03
CA MET C 35 -5.60 -24.84 45.32
C MET C 35 -5.73 -24.75 46.84
N GLU C 36 -5.17 -25.74 47.51
CA GLU C 36 -5.18 -25.82 48.95
C GLU C 36 -4.70 -24.52 49.60
N GLU C 37 -3.51 -24.05 49.19
CA GLU C 37 -2.95 -22.83 49.76
C GLU C 37 -3.69 -21.55 49.36
N VAL C 38 -4.27 -21.53 48.16
CA VAL C 38 -5.02 -20.34 47.74
C VAL C 38 -6.26 -20.27 48.62
N ALA C 39 -6.94 -21.40 48.77
CA ALA C 39 -8.13 -21.46 49.60
C ALA C 39 -7.74 -20.96 50.99
N ARG C 40 -6.69 -21.56 51.54
CA ARG C 40 -6.18 -21.18 52.85
C ARG C 40 -6.08 -19.67 52.95
N ARG C 41 -5.33 -19.06 52.04
CA ARG C 41 -5.15 -17.62 52.04
C ARG C 41 -6.40 -16.79 51.72
N ALA C 42 -7.30 -17.36 50.93
CA ALA C 42 -8.54 -16.65 50.60
C ALA C 42 -9.47 -16.85 51.78
N GLU C 43 -9.20 -17.91 52.54
CA GLU C 43 -9.98 -18.28 53.71
C GLU C 43 -11.38 -18.73 53.31
N VAL C 44 -11.40 -19.84 52.58
CA VAL C 44 -12.60 -20.47 52.09
C VAL C 44 -12.25 -21.94 52.04
N GLY C 45 -13.25 -22.81 51.90
CA GLY C 45 -12.98 -24.23 51.84
C GLY C 45 -12.38 -24.59 50.50
N LYS C 46 -11.60 -25.66 50.45
CA LYS C 46 -10.99 -26.08 49.20
C LYS C 46 -12.11 -26.38 48.20
N GLY C 47 -13.23 -26.90 48.71
CA GLY C 47 -14.35 -27.21 47.85
C GLY C 47 -14.88 -25.95 47.19
N THR C 48 -14.82 -24.86 47.93
CA THR C 48 -15.29 -23.58 47.47
C THR C 48 -14.45 -23.09 46.29
N ILE C 49 -13.15 -23.40 46.33
CA ILE C 49 -12.25 -23.00 45.25
C ILE C 49 -12.54 -23.81 44.01
N TYR C 50 -12.81 -25.10 44.17
CA TYR C 50 -13.09 -25.94 43.02
C TYR C 50 -14.48 -25.68 42.45
N LEU C 51 -15.38 -25.17 43.28
CA LEU C 51 -16.72 -24.84 42.82
C LEU C 51 -16.56 -23.63 41.89
N TYR C 52 -15.83 -22.63 42.37
CA TYR C 52 -15.58 -21.40 41.59
C TYR C 52 -14.71 -21.63 40.36
N PHE C 53 -13.65 -22.42 40.53
CA PHE C 53 -12.71 -22.71 39.45
C PHE C 53 -12.50 -24.21 39.35
N ARG C 54 -12.82 -24.78 38.20
CA ARG C 54 -12.66 -26.22 38.02
C ARG C 54 -11.22 -26.67 37.85
N ASP C 55 -10.29 -25.73 37.65
CA ASP C 55 -8.88 -26.08 37.49
C ASP C 55 -7.97 -24.86 37.57
N LYS C 56 -6.67 -25.11 37.61
CA LYS C 56 -5.68 -24.03 37.71
C LYS C 56 -5.73 -23.09 36.51
N ARG C 57 -5.84 -23.64 35.31
CA ARG C 57 -5.89 -22.83 34.08
C ARG C 57 -7.02 -21.79 34.12
N ASP C 58 -8.23 -22.22 34.50
CA ASP C 58 -9.38 -21.32 34.58
C ASP C 58 -9.12 -20.25 35.62
N LEU C 59 -8.53 -20.67 36.73
CA LEU C 59 -8.18 -19.78 37.80
C LEU C 59 -7.26 -18.70 37.24
N LEU C 60 -6.28 -19.11 36.42
CA LEU C 60 -5.32 -18.17 35.84
C LEU C 60 -5.97 -17.20 34.85
N LYS C 61 -6.91 -17.70 34.06
CA LYS C 61 -7.63 -16.88 33.10
C LYS C 61 -8.40 -15.79 33.84
N ALA C 62 -9.08 -16.17 34.91
CA ALA C 62 -9.87 -15.22 35.69
C ALA C 62 -8.96 -14.15 36.28
N LEU C 63 -7.76 -14.56 36.66
CA LEU C 63 -6.80 -13.61 37.23
C LEU C 63 -6.41 -12.53 36.22
N VAL C 64 -6.10 -12.93 34.99
CA VAL C 64 -5.71 -11.96 33.97
C VAL C 64 -6.90 -11.06 33.65
N GLU C 65 -8.06 -11.67 33.48
CA GLU C 65 -9.27 -10.92 33.19
C GLU C 65 -9.54 -9.88 34.24
N GLU C 66 -9.45 -10.28 35.52
CA GLU C 66 -9.70 -9.33 36.59
C GLU C 66 -8.69 -8.20 36.60
N ARG C 67 -7.42 -8.50 36.37
CA ARG C 67 -6.42 -7.45 36.38
C ARG C 67 -6.56 -6.55 35.16
N THR C 68 -6.90 -7.15 34.03
CA THR C 68 -7.07 -6.39 32.80
C THR C 68 -8.24 -5.41 32.97
N TRP C 69 -9.39 -5.90 33.43
CA TRP C 69 -10.50 -5.00 33.62
C TRP C 69 -10.19 -3.94 34.67
N ALA C 70 -9.35 -4.27 35.64
CA ALA C 70 -8.98 -3.28 36.64
C ALA C 70 -8.25 -2.14 35.90
N PHE C 71 -7.50 -2.52 34.87
CA PHE C 71 -6.73 -1.57 34.07
C PHE C 71 -7.70 -0.68 33.29
N TYR C 72 -8.72 -1.28 32.69
CA TYR C 72 -9.68 -0.50 31.95
C TYR C 72 -10.42 0.51 32.83
N ARG C 73 -10.79 0.11 34.04
CA ARG C 73 -11.51 1.03 34.91
C ARG C 73 -10.66 2.25 35.24
N GLU C 74 -9.35 2.06 35.34
CA GLU C 74 -8.44 3.15 35.62
C GLU C 74 -8.36 4.07 34.40
N VAL C 75 -8.26 3.48 33.21
CA VAL C 75 -8.18 4.28 31.98
C VAL C 75 -9.51 5.04 31.78
N GLU C 76 -10.60 4.31 31.98
CA GLU C 76 -11.95 4.85 31.84
C GLU C 76 -12.18 6.08 32.73
N GLU C 77 -11.61 6.06 33.93
CA GLU C 77 -11.76 7.20 34.82
C GLU C 77 -10.96 8.40 34.31
N VAL C 78 -9.79 8.15 33.74
CA VAL C 78 -8.97 9.25 33.22
C VAL C 78 -9.67 9.84 31.99
N VAL C 79 -10.17 8.97 31.13
CA VAL C 79 -10.83 9.38 29.90
C VAL C 79 -12.07 10.22 30.20
N ARG C 80 -12.76 9.91 31.29
CA ARG C 80 -13.97 10.65 31.64
C ARG C 80 -13.78 11.87 32.54
N ARG C 81 -12.55 12.10 32.98
CA ARG C 81 -12.27 13.27 33.82
C ARG C 81 -12.55 14.55 33.01
N LYS C 82 -12.96 15.60 33.70
CA LYS C 82 -13.21 16.87 33.04
C LYS C 82 -11.89 17.63 33.04
N ALA C 83 -11.02 17.24 32.13
CA ALA C 83 -9.70 17.83 31.98
C ALA C 83 -9.35 17.92 30.49
N PRO C 84 -8.32 18.70 30.16
CA PRO C 84 -7.89 18.87 28.77
C PRO C 84 -7.58 17.51 28.14
N PHE C 85 -7.85 17.42 26.84
CA PHE C 85 -7.59 16.20 26.09
C PHE C 85 -6.15 15.69 26.24
N PHE C 86 -5.17 16.55 26.04
CA PHE C 86 -3.79 16.11 26.10
C PHE C 86 -3.32 15.75 27.51
N VAL C 87 -3.97 16.29 28.54
CA VAL C 87 -3.60 15.92 29.91
C VAL C 87 -4.09 14.49 30.09
N ARG C 88 -5.32 14.22 29.66
CA ARG C 88 -5.88 12.88 29.77
C ARG C 88 -5.05 11.90 28.95
N LEU C 89 -4.79 12.23 27.69
CA LEU C 89 -4.00 11.37 26.84
C LEU C 89 -2.67 10.95 27.48
N GLU C 90 -1.88 11.91 27.97
CA GLU C 90 -0.59 11.59 28.59
C GLU C 90 -0.72 10.65 29.79
N GLU C 91 -1.74 10.88 30.60
CA GLU C 91 -2.00 10.06 31.79
C GLU C 91 -2.37 8.66 31.34
N VAL C 92 -3.21 8.54 30.30
CA VAL C 92 -3.59 7.23 29.80
C VAL C 92 -2.36 6.50 29.26
N LEU C 93 -1.46 7.22 28.60
CA LEU C 93 -0.28 6.59 28.03
C LEU C 93 0.69 6.17 29.16
N ARG C 94 0.82 7.02 30.17
CA ARG C 94 1.68 6.73 31.31
C ARG C 94 1.21 5.43 31.99
N ARG C 95 -0.11 5.31 32.19
CA ARG C 95 -0.68 4.10 32.80
C ARG C 95 -0.53 2.91 31.90
N ARG C 96 -0.63 3.15 30.60
CA ARG C 96 -0.48 2.08 29.62
C ARG C 96 0.94 1.47 29.61
N LEU C 97 1.95 2.33 29.69
CA LEU C 97 3.32 1.83 29.67
C LEU C 97 3.60 1.02 30.93
N ALA C 98 3.02 1.42 32.06
CA ALA C 98 3.19 0.68 33.30
C ALA C 98 2.54 -0.69 33.14
N TRP C 99 1.37 -0.71 32.49
CA TRP C 99 0.64 -1.96 32.27
C TRP C 99 1.40 -2.89 31.34
N VAL C 100 1.99 -2.33 30.28
CA VAL C 100 2.75 -3.15 29.34
C VAL C 100 3.94 -3.76 30.08
N GLN C 101 4.54 -2.98 30.99
CA GLN C 101 5.66 -3.48 31.76
C GLN C 101 5.16 -4.68 32.59
N GLU C 102 4.07 -4.48 33.32
CA GLU C 102 3.49 -5.56 34.14
C GLU C 102 3.21 -6.77 33.29
N TRP C 103 2.68 -6.53 32.11
CA TRP C 103 2.32 -7.60 31.18
C TRP C 103 3.52 -8.47 30.79
N ARG C 104 4.62 -7.84 30.43
CA ARG C 104 5.83 -8.56 30.01
C ARG C 104 6.42 -9.35 31.18
N GLY C 105 6.34 -8.78 32.37
CA GLY C 105 6.89 -9.44 33.53
C GLY C 105 6.01 -10.49 34.19
N LEU C 106 4.77 -10.66 33.73
CA LEU C 106 3.90 -11.66 34.37
C LEU C 106 2.67 -12.12 33.59
N TRP C 107 1.77 -11.19 33.32
CA TRP C 107 0.52 -11.52 32.63
C TRP C 107 0.65 -12.25 31.30
N ALA C 108 1.66 -11.90 30.50
CA ALA C 108 1.85 -12.55 29.22
C ALA C 108 2.01 -14.06 29.45
N ALA C 109 2.83 -14.41 30.44
CA ALA C 109 3.08 -15.82 30.75
C ALA C 109 1.82 -16.48 31.30
N VAL C 110 1.12 -15.79 32.21
CA VAL C 110 -0.12 -16.31 32.79
C VAL C 110 -1.16 -16.58 31.71
N ALA C 111 -1.30 -15.62 30.78
CA ALA C 111 -2.26 -15.76 29.68
C ALA C 111 -1.92 -17.01 28.85
N ARG C 112 -0.63 -17.22 28.64
CA ARG C 112 -0.14 -18.36 27.89
C ARG C 112 -0.57 -19.66 28.57
N GLU C 113 -0.50 -19.68 29.89
CA GLU C 113 -0.89 -20.87 30.67
C GLU C 113 -2.40 -21.01 30.78
N ALA C 114 -3.10 -19.87 30.74
CA ALA C 114 -4.55 -19.87 30.86
C ALA C 114 -5.24 -20.74 29.81
N MET C 115 -4.71 -20.75 28.60
CA MET C 115 -5.32 -21.56 27.53
C MET C 115 -4.34 -21.84 26.41
N ASP C 116 -4.63 -22.89 25.64
CA ASP C 116 -3.78 -23.27 24.53
C ASP C 116 -3.61 -22.13 23.54
N ASP C 117 -4.73 -21.55 23.11
CA ASP C 117 -4.67 -20.43 22.19
C ASP C 117 -5.43 -19.22 22.73
N PRO C 118 -4.70 -18.28 23.34
CA PRO C 118 -5.24 -17.05 23.93
C PRO C 118 -5.44 -15.90 22.94
N THR C 119 -4.89 -16.04 21.74
CA THR C 119 -4.98 -14.99 20.74
C THR C 119 -6.36 -14.34 20.60
N PRO C 120 -7.39 -15.11 20.23
CA PRO C 120 -8.72 -14.50 20.09
C PRO C 120 -9.22 -13.87 21.40
N TRP C 121 -8.81 -14.45 22.52
CA TRP C 121 -9.19 -13.94 23.83
C TRP C 121 -8.47 -12.62 24.08
N LEU C 122 -7.17 -12.59 23.81
CA LEU C 122 -6.38 -11.39 24.01
C LEU C 122 -6.75 -10.29 23.01
N LYS C 123 -7.27 -10.67 21.86
CA LYS C 123 -7.68 -9.68 20.87
C LYS C 123 -8.90 -8.95 21.40
N GLY C 124 -9.89 -9.71 21.86
CA GLY C 124 -11.10 -9.12 22.39
C GLY C 124 -10.80 -8.18 23.54
N LEU C 125 -9.72 -8.44 24.27
CA LEU C 125 -9.36 -7.58 25.39
C LEU C 125 -8.77 -6.29 24.84
N HIS C 126 -7.86 -6.42 23.87
CA HIS C 126 -7.24 -5.25 23.28
C HIS C 126 -8.35 -4.33 22.75
N GLU C 127 -9.42 -4.95 22.25
CA GLU C 127 -10.56 -4.22 21.69
C GLU C 127 -11.13 -3.17 22.64
N HIS C 128 -11.34 -3.54 23.90
CA HIS C 128 -11.87 -2.59 24.88
C HIS C 128 -10.96 -1.37 25.01
N TYR C 129 -9.65 -1.59 24.95
CA TYR C 129 -8.70 -0.49 25.09
C TYR C 129 -8.83 0.44 23.90
N LEU C 130 -9.00 -0.15 22.73
CA LEU C 130 -9.15 0.61 21.50
C LEU C 130 -10.42 1.48 21.59
N ARG C 131 -11.48 0.93 22.16
CA ARG C 131 -12.71 1.70 22.27
C ARG C 131 -12.56 2.86 23.24
N LEU C 132 -11.78 2.69 24.30
CA LEU C 132 -11.56 3.76 25.28
C LEU C 132 -10.81 4.92 24.63
N LEU C 133 -9.84 4.59 23.79
CA LEU C 133 -9.07 5.61 23.06
C LEU C 133 -9.95 6.34 22.03
N GLU C 134 -10.84 5.60 21.37
CA GLU C 134 -11.75 6.18 20.40
C GLU C 134 -12.66 7.18 21.11
N GLU C 135 -13.09 6.82 22.31
CA GLU C 135 -13.94 7.70 23.11
C GLU C 135 -13.15 8.96 23.46
N LEU C 136 -11.91 8.79 23.88
CA LEU C 136 -11.08 9.93 24.25
C LEU C 136 -10.86 10.85 23.05
N LEU C 137 -10.57 10.26 21.88
CA LEU C 137 -10.33 11.05 20.68
C LEU C 137 -11.59 11.87 20.26
N ARG C 138 -12.76 11.25 20.32
CA ARG C 138 -14.00 11.96 19.97
C ARG C 138 -14.20 13.12 20.92
N SER C 139 -13.83 12.92 22.18
CA SER C 139 -13.93 13.98 23.16
C SER C 139 -12.94 15.09 22.77
N GLY C 140 -11.73 14.72 22.36
CA GLY C 140 -10.79 15.74 21.95
C GLY C 140 -11.27 16.52 20.71
N GLN C 141 -11.94 15.82 19.81
CA GLN C 141 -12.44 16.48 18.61
C GLN C 141 -13.48 17.55 18.96
N SER C 142 -14.36 17.22 19.90
CA SER C 142 -15.39 18.17 20.32
C SER C 142 -14.78 19.39 21.03
N GLU C 143 -13.64 19.21 21.67
CA GLU C 143 -13.01 20.31 22.40
C GLU C 143 -12.02 21.11 21.56
N GLY C 144 -11.84 20.75 20.31
CA GLY C 144 -10.90 21.49 19.48
C GLY C 144 -9.46 21.05 19.65
N ALA C 145 -9.22 19.98 20.42
CA ALA C 145 -7.86 19.50 20.65
C ALA C 145 -7.40 18.49 19.59
N VAL C 146 -8.36 17.90 18.88
CA VAL C 146 -8.04 16.90 17.86
C VAL C 146 -8.74 17.29 16.56
N ARG C 147 -8.02 17.28 15.45
CA ARG C 147 -8.60 17.62 14.14
C ARG C 147 -9.81 16.76 13.87
N THR C 148 -10.87 17.37 13.33
CA THR C 148 -12.09 16.60 13.07
C THR C 148 -11.97 15.70 11.85
N GLY C 149 -11.00 15.96 10.98
CA GLY C 149 -10.84 15.10 9.81
C GLY C 149 -10.30 13.71 10.15
N LEU C 150 -9.66 13.57 11.30
CA LEU C 150 -9.09 12.30 11.73
C LEU C 150 -10.15 11.24 12.05
N SER C 151 -9.86 10.01 11.66
CA SER C 151 -10.75 8.90 11.98
C SER C 151 -10.55 8.46 13.44
N PRO C 152 -11.62 8.44 14.25
CA PRO C 152 -11.38 8.00 15.63
C PRO C 152 -10.84 6.57 15.75
N ARG C 153 -11.41 5.65 14.98
CA ARG C 153 -10.97 4.24 15.06
C ARG C 153 -9.53 4.04 14.54
N ALA C 154 -9.21 4.58 13.39
CA ALA C 154 -7.86 4.43 12.86
C ALA C 154 -6.83 5.12 13.74
N THR C 155 -7.16 6.32 14.23
CA THR C 155 -6.22 7.05 15.07
C THR C 155 -6.02 6.35 16.41
N ALA C 156 -7.08 5.73 16.94
CA ALA C 156 -6.98 4.97 18.19
C ALA C 156 -6.06 3.74 17.95
N ALA C 157 -6.20 3.13 16.78
CA ALA C 157 -5.39 1.97 16.45
C ALA C 157 -3.92 2.37 16.43
N VAL C 158 -3.65 3.57 15.89
CA VAL C 158 -2.28 4.07 15.83
C VAL C 158 -1.75 4.24 17.25
N ILE C 159 -2.51 4.94 18.07
CA ILE C 159 -2.08 5.18 19.44
C ILE C 159 -2.00 3.89 20.27
N ALA C 160 -2.93 2.97 20.04
CA ALA C 160 -2.94 1.70 20.78
C ALA C 160 -1.87 0.70 20.36
N ALA C 161 -1.35 0.85 19.15
CA ALA C 161 -0.33 -0.07 18.65
C ALA C 161 0.97 0.06 19.42
N MET C 162 1.20 1.22 20.00
CA MET C 162 2.42 1.52 20.75
C MET C 162 2.71 0.52 21.86
N GLY C 163 3.99 0.24 22.09
CA GLY C 163 4.36 -0.69 23.15
C GLY C 163 5.22 -1.88 22.79
N CYS C 164 5.74 -1.92 21.57
CA CYS C 164 6.58 -3.05 21.17
C CYS C 164 8.05 -2.79 21.48
N THR C 165 8.37 -1.56 21.85
CA THR C 165 9.73 -1.19 22.21
C THR C 165 9.77 -1.06 23.74
N PRO C 166 10.95 -1.19 24.34
CA PRO C 166 11.09 -1.08 25.80
C PRO C 166 10.24 0.04 26.41
N SER C 167 9.37 -0.33 27.35
CA SER C 167 8.53 0.65 28.01
C SER C 167 9.38 1.70 28.71
N LEU C 168 10.50 1.29 29.30
CA LEU C 168 11.39 2.22 29.97
C LEU C 168 11.91 3.25 28.97
N GLU C 169 12.22 2.79 27.77
CA GLU C 169 12.69 3.68 26.71
C GLU C 169 11.61 4.72 26.42
N VAL C 170 10.41 4.23 26.10
CA VAL C 170 9.28 5.12 25.81
C VAL C 170 8.98 6.04 26.98
N GLU C 171 8.96 5.46 28.20
CA GLU C 171 8.70 6.19 29.44
C GLU C 171 9.58 7.41 29.58
N ALA C 172 10.88 7.24 29.37
CA ALA C 172 11.82 8.34 29.46
C ALA C 172 11.49 9.34 28.35
N TYR C 173 10.88 8.82 27.29
CA TYR C 173 10.50 9.64 26.14
C TYR C 173 8.98 9.89 26.07
N LEU C 174 8.28 9.79 27.19
CA LEU C 174 6.83 10.04 27.17
C LEU C 174 6.55 11.47 26.70
N GLU C 175 7.37 12.41 27.15
CA GLU C 175 7.18 13.81 26.74
C GLU C 175 7.46 14.00 25.25
N HIS C 176 8.43 13.27 24.72
CA HIS C 176 8.78 13.35 23.30
C HIS C 176 7.67 12.72 22.47
N LEU C 177 7.11 11.64 23.00
CA LEU C 177 6.01 10.95 22.33
C LEU C 177 4.80 11.87 22.26
N MET C 178 4.48 12.52 23.38
CA MET C 178 3.34 13.45 23.44
C MET C 178 3.49 14.57 22.41
N GLU C 179 4.71 15.08 22.26
CA GLU C 179 4.97 16.15 21.31
C GLU C 179 4.71 15.68 19.86
N VAL C 180 5.15 14.49 19.51
CA VAL C 180 4.90 13.94 18.17
C VAL C 180 3.41 13.64 17.94
N LEU C 181 2.76 13.11 18.97
CA LEU C 181 1.33 12.82 18.84
C LEU C 181 0.52 14.11 18.64
N ARG C 182 0.96 15.16 19.33
CA ARG C 182 0.29 16.44 19.25
C ARG C 182 0.56 17.15 17.90
N LYS C 183 1.82 17.28 17.51
CA LYS C 183 2.11 18.00 16.27
C LYS C 183 2.96 17.33 15.20
N GLY C 184 3.26 16.05 15.36
CA GLY C 184 4.05 15.37 14.34
C GLY C 184 5.47 15.85 14.21
N VAL C 185 6.10 15.65 13.04
CA VAL C 185 7.49 16.07 12.87
C VAL C 185 7.73 17.13 11.79
N GLU C 186 6.73 17.32 10.95
CA GLU C 186 6.84 18.27 9.85
C GLU C 186 6.73 19.74 10.26
N PRO C 187 7.53 20.61 9.65
CA PRO C 187 7.46 22.03 10.01
C PRO C 187 6.09 22.64 9.67
N VAL D 10 26.58 -24.95 -3.82
CA VAL D 10 26.45 -24.98 -2.33
C VAL D 10 25.61 -23.80 -1.85
N LYS D 11 25.99 -22.59 -2.25
CA LYS D 11 25.25 -21.38 -1.87
C LYS D 11 23.79 -21.58 -2.23
N ASP D 12 23.56 -22.18 -3.39
CA ASP D 12 22.21 -22.45 -3.87
C ASP D 12 21.49 -23.31 -2.86
N LYS D 13 22.10 -24.44 -2.52
CA LYS D 13 21.49 -25.36 -1.55
C LYS D 13 21.29 -24.68 -0.21
N LYS D 14 22.36 -24.09 0.32
CA LYS D 14 22.27 -23.40 1.60
C LYS D 14 21.07 -22.47 1.54
N ARG D 15 20.89 -21.83 0.39
CA ARG D 15 19.79 -20.90 0.19
C ARG D 15 18.44 -21.57 0.32
N ALA D 16 18.22 -22.60 -0.50
CA ALA D 16 16.95 -23.32 -0.48
C ALA D 16 16.69 -23.87 0.92
N ILE D 17 17.72 -24.42 1.55
CA ILE D 17 17.56 -24.97 2.91
C ILE D 17 17.00 -23.87 3.82
N LEU D 18 17.67 -22.72 3.84
CA LEU D 18 17.23 -21.62 4.68
C LEU D 18 15.81 -21.17 4.33
N GLU D 19 15.52 -21.09 3.04
CA GLU D 19 14.19 -20.71 2.60
C GLU D 19 13.16 -21.74 3.10
N ALA D 20 13.50 -23.02 3.01
CA ALA D 20 12.60 -24.06 3.48
C ALA D 20 12.42 -23.99 5.00
N THR D 21 13.51 -23.66 5.70
CA THR D 21 13.46 -23.55 7.15
C THR D 21 12.41 -22.52 7.58
N LEU D 22 12.47 -21.33 6.99
CA LEU D 22 11.51 -20.28 7.33
C LEU D 22 10.09 -20.80 7.05
N ALA D 23 9.90 -21.39 5.87
CA ALA D 23 8.58 -21.95 5.49
C ALA D 23 8.07 -22.95 6.53
N VAL D 24 8.91 -23.91 6.90
CA VAL D 24 8.52 -24.93 7.87
C VAL D 24 8.26 -24.30 9.24
N LEU D 25 9.11 -23.36 9.63
CA LEU D 25 8.93 -22.69 10.92
C LEU D 25 7.53 -22.09 11.01
N ARG D 26 7.13 -21.37 9.96
CA ARG D 26 5.83 -20.71 9.93
C ARG D 26 4.68 -21.70 9.93
N GLU D 27 4.93 -22.91 9.45
CA GLU D 27 3.90 -23.94 9.40
C GLU D 27 3.84 -24.81 10.66
N ARG D 28 5.01 -25.21 11.17
CA ARG D 28 5.07 -26.07 12.34
C ARG D 28 5.36 -25.38 13.67
N GLY D 29 5.97 -24.20 13.61
CA GLY D 29 6.33 -23.52 14.83
C GLY D 29 7.74 -24.05 15.10
N LEU D 30 8.40 -23.57 16.14
CA LEU D 30 9.77 -24.02 16.43
C LEU D 30 9.88 -25.45 16.97
N SER D 31 8.99 -25.83 17.87
CA SER D 31 9.05 -27.17 18.44
C SER D 31 8.74 -28.24 17.39
N GLY D 32 7.86 -27.89 16.46
CA GLY D 32 7.48 -28.83 15.42
C GLY D 32 8.40 -28.84 14.22
N LEU D 33 9.49 -28.09 14.27
CA LEU D 33 10.40 -28.06 13.13
C LEU D 33 11.45 -29.15 13.23
N LYS D 34 11.57 -29.92 12.17
CA LYS D 34 12.53 -31.01 12.12
C LYS D 34 13.38 -30.84 10.88
N MET D 35 14.69 -30.96 11.04
CA MET D 35 15.60 -30.82 9.92
C MET D 35 15.24 -31.74 8.77
N GLU D 36 14.67 -32.90 9.06
CA GLU D 36 14.31 -33.82 7.98
C GLU D 36 13.28 -33.21 7.03
N GLU D 37 12.26 -32.55 7.59
CA GLU D 37 11.22 -31.95 6.74
C GLU D 37 11.80 -30.78 5.95
N VAL D 38 12.61 -29.97 6.62
CA VAL D 38 13.26 -28.83 5.97
C VAL D 38 13.97 -29.31 4.71
N ALA D 39 14.75 -30.39 4.85
CA ALA D 39 15.50 -30.92 3.71
C ALA D 39 14.58 -31.45 2.61
N ARG D 40 13.48 -32.08 3.01
CA ARG D 40 12.55 -32.62 2.03
C ARG D 40 11.93 -31.45 1.28
N ARG D 41 11.53 -30.44 2.04
CA ARG D 41 10.92 -29.22 1.50
C ARG D 41 11.89 -28.51 0.57
N ALA D 42 13.15 -28.44 0.95
CA ALA D 42 14.14 -27.77 0.10
C ALA D 42 14.59 -28.71 -1.02
N GLU D 43 13.96 -29.88 -1.10
CA GLU D 43 14.33 -30.86 -2.12
C GLU D 43 15.82 -31.17 -2.08
N VAL D 44 16.34 -31.32 -0.87
CA VAL D 44 17.73 -31.66 -0.67
C VAL D 44 17.67 -33.16 -0.34
N GLY D 45 18.68 -33.91 -0.77
CA GLY D 45 18.67 -35.35 -0.54
C GLY D 45 18.82 -35.75 0.92
N LYS D 46 18.49 -37.00 1.21
CA LYS D 46 18.59 -37.52 2.56
C LYS D 46 20.01 -37.30 3.14
N GLY D 47 20.07 -36.82 4.38
CA GLY D 47 21.35 -36.59 5.03
C GLY D 47 22.16 -35.37 4.59
N THR D 48 21.94 -34.92 3.37
CA THR D 48 22.69 -33.79 2.83
C THR D 48 22.64 -32.48 3.64
N ILE D 49 21.50 -32.24 4.29
CA ILE D 49 21.33 -31.02 5.07
C ILE D 49 22.38 -30.88 6.18
N TYR D 50 22.80 -32.01 6.76
CA TYR D 50 23.80 -32.00 7.83
C TYR D 50 25.21 -31.64 7.38
N LEU D 51 25.41 -31.54 6.07
CA LEU D 51 26.72 -31.17 5.53
C LEU D 51 26.80 -29.64 5.55
N TYR D 52 25.64 -29.00 5.70
CA TYR D 52 25.58 -27.55 5.74
C TYR D 52 25.35 -27.08 7.18
N PHE D 53 24.43 -27.73 7.87
CA PHE D 53 24.13 -27.37 9.24
C PHE D 53 24.19 -28.59 10.15
N ARG D 54 25.12 -28.54 11.11
CA ARG D 54 25.32 -29.64 12.03
C ARG D 54 24.07 -30.00 12.81
N ASP D 55 23.28 -29.00 13.17
CA ASP D 55 22.07 -29.29 13.93
C ASP D 55 21.05 -28.17 13.84
N LYS D 56 19.94 -28.35 14.55
CA LYS D 56 18.84 -27.40 14.53
C LYS D 56 19.27 -26.03 15.01
N ARG D 57 20.27 -26.00 15.88
CA ARG D 57 20.79 -24.75 16.43
C ARG D 57 21.56 -24.00 15.35
N ASP D 58 22.52 -24.68 14.74
CA ASP D 58 23.33 -24.07 13.69
C ASP D 58 22.47 -23.58 12.53
N LEU D 59 21.41 -24.32 12.25
CA LEU D 59 20.48 -24.00 11.18
C LEU D 59 19.70 -22.72 11.46
N LEU D 60 19.14 -22.62 12.65
CA LEU D 60 18.36 -21.43 13.01
C LEU D 60 19.25 -20.22 13.17
N LYS D 61 20.50 -20.45 13.58
CA LYS D 61 21.43 -19.35 13.74
C LYS D 61 21.76 -18.74 12.40
N ALA D 62 22.03 -19.60 11.41
CA ALA D 62 22.33 -19.14 10.08
C ALA D 62 21.11 -18.41 9.49
N LEU D 63 19.92 -18.93 9.75
CA LEU D 63 18.69 -18.31 9.23
C LEU D 63 18.44 -16.94 9.85
N VAL D 64 18.54 -16.85 11.17
CA VAL D 64 18.30 -15.58 11.84
C VAL D 64 19.35 -14.55 11.43
N GLU D 65 20.61 -14.96 11.38
CA GLU D 65 21.65 -14.04 10.99
C GLU D 65 21.48 -13.57 9.56
N GLU D 66 21.07 -14.48 8.68
CA GLU D 66 20.88 -14.14 7.27
C GLU D 66 19.71 -13.18 7.08
N ARG D 67 18.61 -13.48 7.73
CA ARG D 67 17.42 -12.65 7.63
C ARG D 67 17.65 -11.27 8.28
N THR D 68 18.33 -11.25 9.39
CA THR D 68 18.54 -9.99 10.06
C THR D 68 19.48 -9.08 9.26
N TRP D 69 20.55 -9.64 8.72
CA TRP D 69 21.48 -8.88 7.89
C TRP D 69 20.74 -8.31 6.68
N ALA D 70 19.90 -9.11 6.03
CA ALA D 70 19.14 -8.67 4.88
C ALA D 70 18.19 -7.54 5.26
N PHE D 71 17.59 -7.64 6.44
CA PHE D 71 16.67 -6.59 6.89
C PHE D 71 17.39 -5.24 7.06
N TYR D 72 18.52 -5.27 7.77
CA TYR D 72 19.25 -4.04 8.01
C TYR D 72 19.83 -3.44 6.75
N ARG D 73 20.29 -4.30 5.84
CA ARG D 73 20.85 -3.85 4.57
C ARG D 73 19.78 -3.11 3.77
N GLU D 74 18.56 -3.64 3.79
CA GLU D 74 17.47 -3.01 3.06
C GLU D 74 17.06 -1.68 3.69
N VAL D 75 16.96 -1.67 5.01
CA VAL D 75 16.57 -0.44 5.68
C VAL D 75 17.63 0.64 5.44
N GLU D 76 18.90 0.27 5.52
CA GLU D 76 19.98 1.22 5.27
C GLU D 76 19.85 1.78 3.85
N GLU D 77 19.56 0.89 2.90
CA GLU D 77 19.43 1.29 1.52
C GLU D 77 18.26 2.28 1.33
N VAL D 78 17.14 2.05 2.02
CA VAL D 78 15.98 2.93 1.92
C VAL D 78 16.31 4.29 2.58
N VAL D 79 16.91 4.24 3.76
CA VAL D 79 17.27 5.47 4.48
C VAL D 79 18.22 6.37 3.66
N ARG D 80 19.12 5.76 2.91
CA ARG D 80 20.11 6.50 2.15
C ARG D 80 19.74 6.76 0.70
N ARG D 81 18.56 6.29 0.31
CA ARG D 81 18.10 6.43 -1.06
C ARG D 81 17.84 7.89 -1.41
N LYS D 82 17.94 8.24 -2.68
CA LYS D 82 17.64 9.61 -3.07
C LYS D 82 16.14 9.72 -3.25
N ALA D 83 15.42 9.97 -2.17
CA ALA D 83 13.96 10.09 -2.23
C ALA D 83 13.52 10.99 -1.09
N PRO D 84 12.29 11.52 -1.16
CA PRO D 84 11.76 12.40 -0.13
C PRO D 84 11.73 11.74 1.23
N PHE D 85 11.94 12.52 2.28
CA PHE D 85 11.90 11.99 3.65
C PHE D 85 10.63 11.18 3.97
N PHE D 86 9.44 11.70 3.68
CA PHE D 86 8.24 10.95 4.01
C PHE D 86 8.06 9.69 3.18
N VAL D 87 8.65 9.63 1.99
CA VAL D 87 8.55 8.41 1.17
C VAL D 87 9.46 7.34 1.82
N ARG D 88 10.67 7.76 2.20
CA ARG D 88 11.61 6.86 2.84
C ARG D 88 11.06 6.37 4.18
N LEU D 89 10.49 7.28 4.96
CA LEU D 89 9.95 6.89 6.27
C LEU D 89 8.83 5.85 6.10
N GLU D 90 7.92 6.10 5.17
CA GLU D 90 6.83 5.15 4.98
C GLU D 90 7.36 3.78 4.52
N GLU D 91 8.39 3.79 3.66
CA GLU D 91 8.98 2.54 3.18
C GLU D 91 9.69 1.84 4.34
N VAL D 92 10.40 2.59 5.17
CA VAL D 92 11.04 1.94 6.31
C VAL D 92 9.97 1.31 7.22
N LEU D 93 8.92 2.06 7.55
CA LEU D 93 7.85 1.52 8.42
C LEU D 93 7.12 0.30 7.85
N ARG D 94 6.87 0.31 6.55
CA ARG D 94 6.21 -0.80 5.89
C ARG D 94 7.08 -2.06 5.99
N ARG D 95 8.39 -1.91 5.78
CA ARG D 95 9.30 -3.04 5.87
C ARG D 95 9.45 -3.58 7.28
N ARG D 96 9.43 -2.69 8.26
CA ARG D 96 9.55 -3.08 9.66
C ARG D 96 8.28 -3.86 10.04
N LEU D 97 7.13 -3.39 9.58
CA LEU D 97 5.87 -4.09 9.88
C LEU D 97 5.89 -5.48 9.23
N ALA D 98 6.42 -5.58 8.02
CA ALA D 98 6.50 -6.89 7.37
C ALA D 98 7.49 -7.77 8.16
N TRP D 99 8.62 -7.19 8.56
CA TRP D 99 9.62 -7.95 9.32
C TRP D 99 8.94 -8.68 10.47
N VAL D 100 8.09 -7.97 11.20
CA VAL D 100 7.34 -8.54 12.32
C VAL D 100 6.49 -9.74 11.85
N GLN D 101 5.79 -9.57 10.73
CA GLN D 101 4.95 -10.62 10.19
C GLN D 101 5.75 -11.84 9.78
N GLU D 102 6.93 -11.59 9.23
CA GLU D 102 7.81 -12.66 8.76
C GLU D 102 8.09 -13.71 9.81
N TRP D 103 7.96 -13.35 11.09
CA TRP D 103 8.26 -14.30 12.14
C TRP D 103 7.11 -14.95 12.89
N ARG D 104 5.89 -14.57 12.54
CA ARG D 104 4.69 -15.13 13.18
C ARG D 104 4.82 -15.20 14.70
N GLY D 105 5.69 -14.36 15.27
CA GLY D 105 5.88 -14.35 16.71
C GLY D 105 6.89 -15.38 17.22
N LEU D 106 7.74 -15.90 16.33
CA LEU D 106 8.73 -16.90 16.72
C LEU D 106 10.15 -16.39 17.01
N TRP D 107 10.37 -15.11 16.77
CA TRP D 107 11.68 -14.52 16.99
C TRP D 107 12.41 -14.95 18.27
N ALA D 108 11.90 -14.54 19.42
CA ALA D 108 12.52 -14.88 20.71
C ALA D 108 12.91 -16.35 20.82
N ALA D 109 11.95 -17.23 20.53
CA ALA D 109 12.19 -18.68 20.60
C ALA D 109 13.26 -19.13 19.61
N VAL D 110 13.24 -18.58 18.40
CA VAL D 110 14.23 -18.95 17.41
C VAL D 110 15.59 -18.41 17.80
N ALA D 111 15.62 -17.14 18.17
CA ALA D 111 16.87 -16.50 18.56
C ALA D 111 17.51 -17.26 19.74
N ARG D 112 16.67 -17.75 20.62
CA ARG D 112 17.14 -18.49 21.79
C ARG D 112 17.71 -19.85 21.37
N GLU D 113 17.10 -20.43 20.34
CA GLU D 113 17.55 -21.72 19.84
C GLU D 113 18.88 -21.53 19.10
N ALA D 114 19.04 -20.37 18.47
CA ALA D 114 20.26 -20.12 17.71
C ALA D 114 21.43 -19.61 18.55
N MET D 115 21.16 -19.07 19.73
CA MET D 115 22.21 -18.53 20.59
C MET D 115 22.02 -18.84 22.06
N ASP D 116 23.13 -18.94 22.78
CA ASP D 116 23.09 -19.21 24.21
C ASP D 116 22.40 -18.03 24.90
N ASP D 117 22.83 -16.82 24.56
CA ASP D 117 22.23 -15.61 25.14
C ASP D 117 22.09 -14.51 24.08
N PRO D 118 20.89 -14.38 23.49
CA PRO D 118 20.55 -13.39 22.47
C PRO D 118 20.14 -12.01 22.98
N THR D 119 20.08 -11.85 24.30
CA THR D 119 19.69 -10.58 24.89
C THR D 119 20.58 -9.41 24.44
N PRO D 120 21.91 -9.59 24.50
CA PRO D 120 22.83 -8.52 24.09
C PRO D 120 22.78 -8.28 22.59
N TRP D 121 22.61 -9.35 21.83
CA TRP D 121 22.54 -9.26 20.39
C TRP D 121 21.29 -8.46 20.01
N LEU D 122 20.15 -8.82 20.60
CA LEU D 122 18.89 -8.15 20.34
C LEU D 122 18.92 -6.67 20.68
N LYS D 123 19.55 -6.31 21.79
CA LYS D 123 19.63 -4.91 22.22
C LYS D 123 20.45 -4.13 21.21
N GLY D 124 21.49 -4.76 20.71
CA GLY D 124 22.34 -4.14 19.71
C GLY D 124 21.58 -3.91 18.43
N LEU D 125 20.68 -4.83 18.10
CA LEU D 125 19.88 -4.71 16.89
C LEU D 125 18.96 -3.52 17.04
N HIS D 126 18.37 -3.40 18.23
CA HIS D 126 17.46 -2.31 18.50
C HIS D 126 18.19 -0.96 18.38
N GLU D 127 19.38 -0.87 18.97
CA GLU D 127 20.15 0.36 18.93
C GLU D 127 20.52 0.71 17.49
N HIS D 128 20.83 -0.31 16.70
CA HIS D 128 21.20 -0.08 15.31
C HIS D 128 19.97 0.46 14.55
N TYR D 129 18.79 -0.10 14.81
CA TYR D 129 17.59 0.37 14.12
C TYR D 129 17.34 1.84 14.48
N LEU D 130 17.49 2.17 15.76
CA LEU D 130 17.32 3.55 16.23
C LEU D 130 18.28 4.49 15.52
N ARG D 131 19.53 4.06 15.35
CA ARG D 131 20.49 4.91 14.68
C ARG D 131 20.13 5.16 13.24
N LEU D 132 19.55 4.16 12.58
CA LEU D 132 19.13 4.35 11.19
C LEU D 132 17.98 5.34 11.11
N LEU D 133 17.05 5.26 12.07
CA LEU D 133 15.93 6.22 12.10
C LEU D 133 16.45 7.66 12.40
N GLU D 134 17.46 7.75 13.27
CA GLU D 134 18.05 9.03 13.62
C GLU D 134 18.72 9.62 12.37
N GLU D 135 19.43 8.76 11.64
CA GLU D 135 20.06 9.19 10.39
C GLU D 135 18.97 9.69 9.41
N LEU D 136 17.88 8.94 9.29
CA LEU D 136 16.80 9.34 8.39
C LEU D 136 16.23 10.71 8.84
N LEU D 137 16.00 10.88 10.13
CA LEU D 137 15.47 12.15 10.63
C LEU D 137 16.41 13.32 10.35
N ARG D 138 17.73 13.10 10.46
CA ARG D 138 18.66 14.21 10.18
C ARG D 138 18.57 14.62 8.72
N SER D 139 18.37 13.62 7.84
CA SER D 139 18.23 13.89 6.41
C SER D 139 16.95 14.71 6.22
N GLY D 140 15.88 14.32 6.92
CA GLY D 140 14.64 15.06 6.81
C GLY D 140 14.85 16.52 7.26
N GLN D 141 15.62 16.71 8.33
CA GLN D 141 15.87 18.04 8.84
C GLN D 141 16.59 18.89 7.79
N SER D 142 17.59 18.32 7.13
CA SER D 142 18.35 19.01 6.08
C SER D 142 17.46 19.34 4.90
N GLU D 143 16.54 18.44 4.65
CA GLU D 143 15.60 18.54 3.54
C GLU D 143 14.47 19.52 3.81
N GLY D 144 14.24 19.81 5.08
CA GLY D 144 13.15 20.70 5.46
C GLY D 144 11.84 19.97 5.75
N ALA D 145 11.88 18.64 5.84
CA ALA D 145 10.67 17.85 6.08
C ALA D 145 10.45 17.60 7.56
N VAL D 146 11.50 17.78 8.35
CA VAL D 146 11.42 17.54 9.78
C VAL D 146 11.85 18.78 10.55
N ARG D 147 11.11 19.16 11.59
CA ARG D 147 11.48 20.33 12.39
C ARG D 147 12.89 20.21 12.98
N THR D 148 13.72 21.25 12.87
CA THR D 148 15.07 21.18 13.42
C THR D 148 15.07 21.20 14.94
N GLY D 149 13.98 21.70 15.51
CA GLY D 149 13.90 21.72 16.96
C GLY D 149 13.77 20.33 17.56
N LEU D 150 13.47 19.33 16.75
CA LEU D 150 13.34 17.97 17.30
C LEU D 150 14.70 17.27 17.44
N SER D 151 14.88 16.56 18.54
CA SER D 151 16.11 15.80 18.75
C SER D 151 15.99 14.53 17.89
N PRO D 152 16.98 14.25 17.05
CA PRO D 152 16.91 13.05 16.21
C PRO D 152 16.86 11.76 17.05
N ARG D 153 17.69 11.70 18.09
CA ARG D 153 17.73 10.50 18.94
C ARG D 153 16.42 10.24 19.68
N ALA D 154 15.87 11.27 20.30
CA ALA D 154 14.61 11.09 21.03
C ALA D 154 13.49 10.77 20.04
N THR D 155 13.48 11.46 18.91
CA THR D 155 12.41 11.23 17.95
C THR D 155 12.52 9.85 17.28
N ALA D 156 13.74 9.37 17.06
CA ALA D 156 13.94 8.05 16.48
C ALA D 156 13.30 7.03 17.45
N ALA D 157 13.54 7.21 18.74
CA ALA D 157 12.98 6.29 19.73
C ALA D 157 11.44 6.29 19.69
N VAL D 158 10.86 7.47 19.52
CA VAL D 158 9.39 7.58 19.44
C VAL D 158 8.89 6.86 18.19
N ILE D 159 9.51 7.14 17.05
CA ILE D 159 9.07 6.50 15.82
C ILE D 159 9.18 5.00 15.92
N ALA D 160 10.27 4.51 16.50
CA ALA D 160 10.40 3.09 16.65
C ALA D 160 9.21 2.63 17.53
N ALA D 161 8.82 3.44 18.51
CA ALA D 161 7.72 3.11 19.41
C ALA D 161 6.32 3.18 18.80
N MET D 162 6.17 3.96 17.72
CA MET D 162 4.88 4.08 17.05
C MET D 162 4.83 3.21 15.79
N GLY D 163 5.90 2.47 15.54
CA GLY D 163 5.92 1.63 14.35
C GLY D 163 5.64 0.17 14.67
N CYS D 164 4.73 -0.06 15.61
CA CYS D 164 4.36 -1.40 16.03
C CYS D 164 3.16 -1.93 15.27
N THR D 165 3.06 -3.26 15.20
CA THR D 165 1.96 -3.90 14.49
C THR D 165 0.61 -3.64 15.16
N PRO D 166 -0.32 -2.99 14.45
CA PRO D 166 -1.64 -2.71 15.02
C PRO D 166 -2.34 -4.04 15.32
N SER D 167 -2.83 -4.17 16.54
CA SER D 167 -3.53 -5.38 16.96
C SER D 167 -4.97 -5.28 16.46
N LEU D 168 -5.15 -4.50 15.39
CA LEU D 168 -6.46 -4.30 14.79
C LEU D 168 -6.31 -4.16 13.28
N GLU D 169 -7.29 -4.64 12.53
CA GLU D 169 -7.24 -4.54 11.09
C GLU D 169 -7.91 -3.23 10.65
N VAL D 170 -7.10 -2.30 10.18
CA VAL D 170 -7.57 -0.98 9.72
C VAL D 170 -7.11 -0.78 8.29
N GLU D 171 -8.00 -0.36 7.41
CA GLU D 171 -7.61 -0.13 6.01
C GLU D 171 -6.72 1.13 5.92
N ALA D 172 -5.70 1.08 5.09
CA ALA D 172 -4.80 2.22 4.94
C ALA D 172 -4.20 2.58 6.30
N TYR D 173 -4.04 1.59 7.17
CA TYR D 173 -3.46 1.82 8.48
C TYR D 173 -2.18 2.66 8.40
N LEU D 174 -1.27 2.25 7.52
CA LEU D 174 -0.01 2.95 7.36
C LEU D 174 -0.28 4.40 6.95
N GLU D 175 -1.32 4.62 6.14
CA GLU D 175 -1.65 5.96 5.71
C GLU D 175 -2.05 6.86 6.90
N HIS D 176 -2.81 6.30 7.84
CA HIS D 176 -3.22 7.04 9.03
C HIS D 176 -2.03 7.29 9.92
N LEU D 177 -1.14 6.30 10.03
CA LEU D 177 0.05 6.46 10.86
C LEU D 177 0.91 7.61 10.27
N MET D 178 1.10 7.63 8.96
CA MET D 178 1.90 8.69 8.31
C MET D 178 1.27 10.07 8.55
N GLU D 179 -0.05 10.14 8.56
CA GLU D 179 -0.72 11.41 8.82
C GLU D 179 -0.37 11.92 10.25
N VAL D 180 -0.40 11.02 11.23
CA VAL D 180 -0.07 11.39 12.62
C VAL D 180 1.43 11.72 12.76
N LEU D 181 2.28 10.93 12.11
CA LEU D 181 3.71 11.20 12.16
C LEU D 181 4.09 12.53 11.52
N ARG D 182 3.39 12.88 10.44
CA ARG D 182 3.67 14.13 9.75
C ARG D 182 3.06 15.34 10.49
N LYS D 183 1.79 15.21 10.86
CA LYS D 183 1.06 16.33 11.48
C LYS D 183 0.54 16.18 12.90
N GLY D 184 0.71 15.04 13.54
CA GLY D 184 0.17 14.91 14.89
C GLY D 184 -1.36 14.95 14.83
N VAL D 185 -2.03 15.16 15.97
CA VAL D 185 -3.49 15.18 15.94
C VAL D 185 -4.10 16.55 16.21
N GLU D 186 -3.33 17.52 16.66
CA GLU D 186 -3.91 18.83 16.96
C GLU D 186 -4.19 19.66 15.71
N PRO D 187 -5.21 20.53 15.76
CA PRO D 187 -5.57 21.39 14.63
C PRO D 187 -4.48 22.44 14.39
#